data_8BRP
#
_entry.id   8BRP
#
_cell.length_a   58.290
_cell.length_b   154.420
_cell.length_c   174.920
_cell.angle_alpha   90.00
_cell.angle_beta   90.00
_cell.angle_gamma   90.00
#
_symmetry.space_group_name_H-M   'P 21 21 21'
#
loop_
_entity.id
_entity.type
_entity.pdbx_description
1 polymer 'Peptide arginase'
2 non-polymer 'MANGANESE (II) ION'
3 non-polymer 'ACETATE ION'
4 non-polymer 'MAGNESIUM ION'
5 non-polymer GLYCEROL
6 water water
#
_entity_poly.entity_id   1
_entity_poly.type   'polypeptide(L)'
_entity_poly.pdbx_seq_one_letter_code
;GSAKIPFYI(MSE)EEHNEAFFIWHYAVAEGWINKNQNTLLHVDEHSDLVVPILNSSLKSVNENIKRVHDFTYSELTIAN
FIYPALYQGVFSQVYWLRQKHDPKLNGQKQLNIYSHQGEGKRLILKSKVDFNNLFNPDCKSFTITPLNAQDDLSSEESKK
LNKSVILDIDIDYFSCDNVSGEYLEVEITEEAYYDYINNLYNKLRICWGGNASVKY(MSE)DGKYYFCIIQPDKLVAENL
KVSEDAIVERIDALIDFLKVNEIQPKLIDVCRSRLSGYTPNDQWEFIENTLVEKLSSIYEFEPIFVSELSKKVLVEV
;
_entity_poly.pdbx_strand_id   A,B,C,D
#
loop_
_chem_comp.id
_chem_comp.type
_chem_comp.name
_chem_comp.formula
ACT non-polymer 'ACETATE ION' 'C2 H3 O2 -1'
GOL non-polymer GLYCEROL 'C3 H8 O3'
MG non-polymer 'MAGNESIUM ION' 'Mg 2'
MN non-polymer 'MANGANESE (II) ION' 'Mn 2'
#
# COMPACT_ATOMS: atom_id res chain seq x y z
N ALA A 3 16.55 -40.25 32.90
CA ALA A 3 15.75 -39.12 32.34
C ALA A 3 15.59 -39.31 30.82
N LYS A 4 14.34 -39.50 30.37
CA LYS A 4 13.98 -39.65 28.93
C LYS A 4 14.15 -38.30 28.22
N ILE A 5 14.57 -38.33 26.95
CA ILE A 5 14.65 -37.14 26.06
C ILE A 5 13.26 -36.91 25.46
N PRO A 6 12.66 -35.70 25.59
CA PRO A 6 11.40 -35.39 24.92
C PRO A 6 11.53 -35.65 23.40
N PHE A 7 10.69 -36.53 22.87
CA PHE A 7 10.72 -37.04 21.47
C PHE A 7 9.33 -36.83 20.85
N TYR A 8 9.24 -36.03 19.77
CA TYR A 8 7.95 -35.64 19.14
C TYR A 8 8.00 -35.84 17.62
N ILE A 9 6.99 -36.51 17.08
CA ILE A 9 6.83 -36.84 15.64
C ILE A 9 5.72 -35.96 15.06
N MSE A 10 5.99 -35.35 13.89
CA MSE A 10 5.07 -34.45 13.22
C MSE A 10 4.95 -34.87 11.75
O MSE A 10 5.86 -35.50 11.23
CB MSE A 10 5.61 -33.02 13.29
CG MSE A 10 6.66 -32.73 12.24
SE MSE A 10 7.84 -31.28 12.75
CE MSE A 10 8.83 -31.85 14.35
N GLU A 11 3.85 -34.46 11.09
CA GLU A 11 3.63 -34.76 9.69
C GLU A 11 4.45 -33.80 8.81
N GLU A 12 4.38 -32.50 9.09
CA GLU A 12 4.98 -31.43 8.24
C GLU A 12 5.84 -30.50 9.10
N HIS A 13 6.89 -29.93 8.50
CA HIS A 13 8.05 -29.35 9.23
C HIS A 13 7.69 -28.04 9.92
N ASN A 14 6.68 -27.30 9.42
CA ASN A 14 6.22 -26.03 10.06
C ASN A 14 5.88 -26.29 11.53
N GLU A 15 5.54 -27.53 11.90
CA GLU A 15 5.11 -27.93 13.26
C GLU A 15 6.29 -27.91 14.24
N ALA A 16 7.53 -27.94 13.75
CA ALA A 16 8.78 -27.88 14.55
C ALA A 16 8.78 -26.61 15.40
N PHE A 17 8.42 -25.48 14.80
CA PHE A 17 8.34 -24.14 15.46
C PHE A 17 7.46 -24.22 16.70
N PHE A 18 6.29 -24.86 16.59
CA PHE A 18 5.32 -25.08 17.69
C PHE A 18 5.96 -25.93 18.79
N ILE A 19 6.64 -27.01 18.41
CA ILE A 19 7.28 -27.99 19.34
C ILE A 19 8.40 -27.29 20.12
N TRP A 20 9.23 -26.47 19.44
CA TRP A 20 10.36 -25.73 20.06
C TRP A 20 9.83 -24.80 21.17
N HIS A 21 8.80 -24.02 20.87
CA HIS A 21 8.21 -23.02 21.79
C HIS A 21 7.49 -23.72 22.96
N TYR A 22 6.91 -24.89 22.71
CA TYR A 22 6.29 -25.75 23.76
C TYR A 22 7.39 -26.24 24.71
N ALA A 23 8.54 -26.64 24.16
CA ALA A 23 9.72 -27.15 24.90
C ALA A 23 10.32 -26.04 25.76
N VAL A 24 10.22 -24.78 25.32
CA VAL A 24 10.69 -23.57 26.08
C VAL A 24 9.76 -23.35 27.27
N ALA A 25 8.44 -23.39 27.03
CA ALA A 25 7.37 -23.13 28.02
C ALA A 25 7.41 -24.16 29.15
N GLU A 26 7.69 -25.43 28.83
CA GLU A 26 7.80 -26.55 29.80
C GLU A 26 9.17 -26.52 30.48
N GLY A 27 10.18 -25.98 29.80
CA GLY A 27 11.56 -25.81 30.31
C GLY A 27 12.44 -27.01 29.97
N TRP A 28 12.08 -27.79 28.95
CA TRP A 28 12.88 -28.93 28.44
C TRP A 28 14.17 -28.38 27.82
N ILE A 29 14.09 -27.19 27.21
CA ILE A 29 15.25 -26.44 26.65
C ILE A 29 15.23 -25.01 27.23
N ASN A 30 16.33 -24.29 27.06
CA ASN A 30 16.49 -22.89 27.54
C ASN A 30 15.76 -21.95 26.58
N LYS A 31 15.49 -20.71 27.04
CA LYS A 31 14.82 -19.65 26.26
C LYS A 31 15.63 -19.35 25.00
N ASN A 32 16.96 -19.32 25.12
CA ASN A 32 17.90 -18.94 24.04
C ASN A 32 19.17 -19.77 24.12
N GLN A 33 20.10 -19.53 23.17
CA GLN A 33 21.46 -20.12 23.07
C GLN A 33 21.38 -21.65 22.94
N ASN A 34 20.43 -22.13 22.13
CA ASN A 34 20.31 -23.57 21.80
C ASN A 34 21.00 -23.81 20.46
N THR A 35 21.39 -25.05 20.17
CA THR A 35 21.93 -25.46 18.86
C THR A 35 20.85 -26.24 18.12
N LEU A 36 20.52 -25.83 16.90
CA LEU A 36 19.61 -26.59 15.99
C LEU A 36 20.46 -27.51 15.11
N LEU A 37 20.45 -28.81 15.41
CA LEU A 37 21.05 -29.86 14.54
C LEU A 37 19.98 -30.31 13.54
N HIS A 38 19.96 -29.66 12.37
CA HIS A 38 18.90 -29.78 11.33
C HIS A 38 19.34 -30.87 10.33
N VAL A 39 18.78 -32.08 10.48
CA VAL A 39 19.06 -33.27 9.62
C VAL A 39 17.96 -33.34 8.56
N ASP A 40 18.27 -32.94 7.33
CA ASP A 40 17.23 -32.73 6.30
C ASP A 40 17.88 -32.59 4.93
N GLU A 41 17.18 -33.00 3.88
CA GLU A 41 17.60 -32.83 2.47
C GLU A 41 17.53 -31.36 2.10
N HIS A 42 16.62 -30.59 2.70
CA HIS A 42 16.41 -29.15 2.37
C HIS A 42 16.83 -28.26 3.52
N SER A 43 17.40 -27.09 3.20
CA SER A 43 17.93 -26.11 4.18
C SER A 43 16.79 -25.58 5.05
N ASP A 44 15.61 -25.36 4.45
CA ASP A 44 14.43 -24.75 5.10
C ASP A 44 14.82 -23.35 5.62
N LEU A 45 15.55 -22.59 4.80
CA LEU A 45 16.08 -21.24 5.12
C LEU A 45 15.46 -20.19 4.21
N VAL A 46 14.14 -20.25 4.02
CA VAL A 46 13.34 -19.15 3.38
C VAL A 46 13.10 -18.09 4.46
N VAL A 47 13.33 -16.82 4.12
CA VAL A 47 13.11 -15.65 5.03
C VAL A 47 11.67 -15.20 4.86
N PRO A 48 10.77 -15.46 5.85
CA PRO A 48 9.35 -15.16 5.69
C PRO A 48 8.99 -13.70 6.03
N ILE A 49 8.16 -13.08 5.19
CA ILE A 49 7.45 -11.80 5.51
C ILE A 49 6.07 -12.17 6.05
N LEU A 50 5.76 -11.72 7.27
CA LEU A 50 4.62 -12.20 8.09
C LEU A 50 3.59 -11.07 8.28
N ASN A 51 2.36 -11.44 8.64
CA ASN A 51 1.25 -10.50 8.97
C ASN A 51 1.26 -10.23 10.49
N SER A 52 1.64 -11.24 11.28
CA SER A 52 1.77 -11.17 12.77
C SER A 52 3.21 -10.86 13.15
N SER A 53 3.40 -10.01 14.15
CA SER A 53 4.71 -9.73 14.79
C SER A 53 5.17 -10.97 15.57
N LEU A 54 6.42 -11.40 15.37
CA LEU A 54 7.03 -12.56 16.07
C LEU A 54 7.21 -12.22 17.56
N LYS A 55 7.23 -10.94 17.93
CA LYS A 55 7.22 -10.45 19.33
C LYS A 55 5.90 -10.84 19.99
N SER A 56 4.78 -10.62 19.31
CA SER A 56 3.39 -10.87 19.79
C SER A 56 3.08 -12.37 19.80
N VAL A 57 3.58 -13.12 18.81
CA VAL A 57 3.33 -14.58 18.63
C VAL A 57 3.87 -15.35 19.85
N ASN A 58 4.97 -14.88 20.44
CA ASN A 58 5.72 -15.57 21.53
C ASN A 58 4.97 -15.42 22.87
N GLU A 59 3.98 -14.53 22.95
CA GLU A 59 3.26 -14.14 24.20
C GLU A 59 2.75 -15.39 24.94
N ASN A 60 2.03 -16.28 24.25
CA ASN A 60 1.47 -17.54 24.83
C ASN A 60 1.47 -18.65 23.77
N ILE A 61 1.33 -19.89 24.21
CA ILE A 61 1.52 -21.13 23.39
C ILE A 61 0.35 -21.29 22.40
N LYS A 62 -0.85 -20.86 22.78
CA LYS A 62 -2.07 -20.85 21.90
C LYS A 62 -1.78 -19.95 20.69
N ARG A 63 -1.19 -18.77 20.94
CA ARG A 63 -0.82 -17.76 19.91
C ARG A 63 0.20 -18.39 18.94
N VAL A 64 1.21 -19.09 19.47
CA VAL A 64 2.27 -19.80 18.68
C VAL A 64 1.61 -20.87 17.81
N HIS A 65 0.71 -21.66 18.40
CA HIS A 65 -0.04 -22.75 17.75
C HIS A 65 -0.84 -22.20 16.56
N ASP A 66 -1.55 -21.09 16.76
CA ASP A 66 -2.40 -20.46 15.72
C ASP A 66 -1.52 -20.01 14.55
N PHE A 67 -0.34 -19.44 14.86
CA PHE A 67 0.64 -18.90 13.89
C PHE A 67 1.26 -20.03 13.06
N THR A 68 1.55 -21.17 13.70
CA THR A 68 2.20 -22.36 13.07
C THR A 68 1.31 -22.90 11.95
N TYR A 69 -0.01 -22.93 12.16
CA TYR A 69 -0.98 -23.55 11.21
C TYR A 69 -1.67 -22.44 10.42
N SER A 70 -1.01 -21.30 10.24
CA SER A 70 -1.53 -20.13 9.50
C SER A 70 -0.47 -19.61 8.51
N GLU A 71 0.59 -18.99 9.02
CA GLU A 71 1.53 -18.18 8.19
C GLU A 71 2.79 -18.98 7.87
N LEU A 72 3.04 -20.09 8.57
CA LEU A 72 4.30 -20.85 8.37
C LEU A 72 4.15 -21.81 7.19
N THR A 73 5.26 -22.01 6.47
CA THR A 73 5.42 -23.07 5.45
C THR A 73 6.44 -24.08 5.98
N ILE A 74 6.68 -25.15 5.23
CA ILE A 74 7.56 -26.26 5.65
C ILE A 74 9.02 -25.89 5.38
N ALA A 75 9.31 -24.63 4.98
CA ALA A 75 10.67 -24.17 4.59
C ALA A 75 11.00 -22.77 5.13
N ASN A 76 10.20 -22.21 6.03
CA ASN A 76 10.38 -20.80 6.52
C ASN A 76 10.21 -20.71 8.04
N PHE A 77 10.41 -21.83 8.76
CA PHE A 77 10.09 -21.97 10.21
C PHE A 77 11.35 -21.78 11.08
N ILE A 78 12.54 -21.73 10.47
CA ILE A 78 13.84 -21.70 11.20
C ILE A 78 14.23 -20.24 11.51
N TYR A 79 14.19 -19.36 10.52
CA TYR A 79 14.63 -17.94 10.64
C TYR A 79 13.76 -17.19 11.65
N PRO A 80 12.43 -17.45 11.73
CA PRO A 80 11.61 -16.90 12.81
C PRO A 80 12.11 -17.27 14.21
N ALA A 81 12.58 -18.52 14.38
CA ALA A 81 13.12 -19.06 15.65
C ALA A 81 14.49 -18.43 15.95
N LEU A 82 15.28 -18.15 14.91
CA LEU A 82 16.61 -17.47 15.02
C LEU A 82 16.41 -16.01 15.41
N TYR A 83 15.41 -15.33 14.82
CA TYR A 83 15.08 -13.92 15.13
C TYR A 83 14.59 -13.79 16.59
N GLN A 84 13.90 -14.82 17.10
CA GLN A 84 13.36 -14.87 18.49
C GLN A 84 14.47 -15.29 19.47
N GLY A 85 15.63 -15.71 18.95
CA GLY A 85 16.83 -16.00 19.76
C GLY A 85 16.82 -17.39 20.35
N VAL A 86 15.91 -18.27 19.89
CA VAL A 86 15.75 -19.66 20.40
C VAL A 86 17.05 -20.43 20.17
N PHE A 87 17.66 -20.26 19.00
CA PHE A 87 18.97 -20.87 18.61
C PHE A 87 20.00 -19.78 18.34
N SER A 88 21.26 -20.03 18.70
CA SER A 88 22.43 -19.15 18.42
C SER A 88 23.27 -19.71 17.26
N GLN A 89 23.08 -20.98 16.91
CA GLN A 89 23.79 -21.64 15.77
C GLN A 89 22.94 -22.78 15.21
N VAL A 90 22.93 -22.91 13.88
CA VAL A 90 22.26 -24.02 13.13
C VAL A 90 23.35 -24.84 12.43
N TYR A 91 23.28 -26.16 12.53
CA TYR A 91 24.14 -27.13 11.79
C TYR A 91 23.24 -27.97 10.87
N TRP A 92 23.39 -27.78 9.56
CA TRP A 92 22.60 -28.46 8.49
C TRP A 92 23.30 -29.76 8.07
N LEU A 93 22.72 -30.90 8.44
CA LEU A 93 23.23 -32.26 8.10
C LEU A 93 22.51 -32.74 6.83
N ARG A 94 23.27 -32.94 5.75
CA ARG A 94 22.77 -33.31 4.39
C ARG A 94 23.63 -34.45 3.83
N GLN A 95 23.07 -35.27 2.94
CA GLN A 95 23.76 -36.44 2.32
C GLN A 95 24.92 -35.95 1.45
N LYS A 96 24.68 -34.96 0.60
CA LYS A 96 25.71 -34.33 -0.27
C LYS A 96 25.42 -32.83 -0.42
N HIS A 97 26.30 -31.98 0.10
CA HIS A 97 26.18 -30.50 0.09
C HIS A 97 26.72 -29.94 -1.23
N ASP A 98 26.43 -28.66 -1.50
CA ASP A 98 27.05 -27.84 -2.58
C ASP A 98 28.53 -27.68 -2.25
N PRO A 99 29.47 -28.09 -3.14
CA PRO A 99 30.90 -27.96 -2.87
C PRO A 99 31.34 -26.54 -2.46
N LYS A 100 30.70 -25.51 -3.01
CA LYS A 100 30.96 -24.07 -2.71
C LYS A 100 30.71 -23.78 -1.23
N LEU A 101 29.71 -24.44 -0.64
CA LEU A 101 29.24 -24.21 0.76
C LEU A 101 30.23 -24.88 1.74
N ASN A 102 31.14 -24.09 2.30
CA ASN A 102 32.21 -24.56 3.24
C ASN A 102 32.32 -23.61 4.43
N GLY A 103 32.59 -24.14 5.62
CA GLY A 103 32.86 -23.37 6.86
C GLY A 103 31.59 -22.77 7.44
N GLN A 104 31.73 -22.10 8.59
CA GLN A 104 30.61 -21.43 9.31
C GLN A 104 30.28 -20.11 8.62
N LYS A 105 28.98 -19.83 8.42
CA LYS A 105 28.48 -18.60 7.75
C LYS A 105 28.00 -17.64 8.85
N GLN A 106 28.77 -16.58 9.11
CA GLN A 106 28.44 -15.53 10.11
C GLN A 106 27.29 -14.69 9.55
N LEU A 107 26.07 -14.91 10.05
CA LEU A 107 24.83 -14.24 9.58
C LEU A 107 24.19 -13.47 10.75
N ASN A 108 23.33 -12.51 10.43
CA ASN A 108 22.49 -11.78 11.41
C ASN A 108 21.11 -11.50 10.80
N ILE A 109 20.06 -11.60 11.61
CA ILE A 109 18.64 -11.33 11.22
C ILE A 109 18.08 -10.25 12.13
N TYR A 110 17.33 -9.31 11.56
CA TYR A 110 16.57 -8.24 12.27
C TYR A 110 15.27 -7.98 11.52
N SER A 111 14.31 -7.31 12.17
CA SER A 111 12.99 -6.96 11.59
C SER A 111 12.99 -5.49 11.16
N HIS A 112 12.26 -5.17 10.09
CA HIS A 112 12.07 -3.79 9.59
C HIS A 112 11.41 -2.94 10.67
N GLN A 113 12.12 -1.93 11.17
CA GLN A 113 11.65 -0.90 12.17
C GLN A 113 11.37 -1.56 13.54
N GLY A 114 11.94 -2.74 13.79
CA GLY A 114 11.81 -3.46 15.08
C GLY A 114 10.39 -3.93 15.37
N GLU A 115 9.56 -4.09 14.33
CA GLU A 115 8.13 -4.47 14.46
C GLU A 115 7.98 -5.99 14.55
N GLY A 116 8.96 -6.74 14.02
CA GLY A 116 9.01 -8.21 14.10
C GLY A 116 8.10 -8.88 13.08
N LYS A 117 7.80 -8.19 11.97
CA LYS A 117 6.87 -8.66 10.90
C LYS A 117 7.66 -8.99 9.63
N ARG A 118 8.52 -8.07 9.19
CA ARG A 118 9.35 -8.20 7.95
C ARG A 118 10.80 -8.48 8.34
N LEU A 119 11.25 -9.74 8.20
CA LEU A 119 12.62 -10.18 8.57
C LEU A 119 13.58 -9.86 7.42
N ILE A 120 14.77 -9.33 7.78
CA ILE A 120 15.86 -8.94 6.84
C ILE A 120 17.13 -9.71 7.23
N LEU A 121 17.61 -10.59 6.33
CA LEU A 121 18.82 -11.43 6.53
C LEU A 121 20.04 -10.71 5.94
N LYS A 122 21.15 -10.67 6.68
CA LYS A 122 22.41 -9.97 6.30
C LYS A 122 23.62 -10.84 6.61
N SER A 123 24.69 -10.70 5.82
CA SER A 123 25.97 -11.43 5.94
C SER A 123 26.94 -10.69 6.86
N LYS A 124 26.77 -9.37 7.00
CA LYS A 124 27.55 -8.51 7.93
C LYS A 124 26.59 -7.61 8.72
N VAL A 125 26.88 -7.40 10.00
CA VAL A 125 26.06 -6.59 10.95
C VAL A 125 26.17 -5.13 10.52
N ASP A 126 25.05 -4.55 10.07
CA ASP A 126 24.92 -3.10 9.69
C ASP A 126 25.26 -2.25 10.91
N PHE A 127 25.89 -1.08 10.69
CA PHE A 127 26.37 -0.16 11.76
C PHE A 127 25.23 0.19 12.72
N ASN A 128 24.01 0.36 12.20
CA ASN A 128 22.79 0.71 12.98
C ASN A 128 22.40 -0.44 13.92
N ASN A 129 22.70 -1.69 13.52
CA ASN A 129 22.23 -2.93 14.21
C ASN A 129 23.34 -3.49 15.12
N LEU A 130 24.36 -2.70 15.46
CA LEU A 130 25.57 -3.18 16.19
C LEU A 130 25.19 -3.53 17.64
N PHE A 131 24.40 -2.67 18.30
CA PHE A 131 23.92 -2.85 19.69
C PHE A 131 22.38 -2.90 19.72
N ASN A 132 21.75 -3.12 18.55
CA ASN A 132 20.27 -3.22 18.40
C ASN A 132 19.82 -4.58 18.94
N PRO A 133 18.98 -4.63 20.00
CA PRO A 133 18.51 -5.91 20.55
C PRO A 133 17.51 -6.65 19.65
N ASP A 134 16.99 -5.99 18.61
CA ASP A 134 16.12 -6.60 17.57
C ASP A 134 16.97 -7.44 16.61
N CYS A 135 18.27 -7.15 16.51
CA CYS A 135 19.23 -7.85 15.61
C CYS A 135 19.87 -9.02 16.36
N LYS A 136 19.76 -10.24 15.81
CA LYS A 136 20.35 -11.49 16.36
C LYS A 136 21.48 -11.97 15.45
N SER A 137 22.66 -12.24 16.02
CA SER A 137 23.83 -12.84 15.33
C SER A 137 23.86 -14.36 15.61
N PHE A 138 24.07 -15.15 14.55
CA PHE A 138 24.08 -16.63 14.59
C PHE A 138 25.00 -17.17 13.48
N THR A 139 25.23 -18.49 13.48
CA THR A 139 26.01 -19.21 12.44
C THR A 139 25.13 -20.31 11.83
N ILE A 140 25.30 -20.55 10.52
CA ILE A 140 24.70 -21.70 9.79
C ILE A 140 25.84 -22.47 9.11
N THR A 141 26.05 -23.73 9.50
CA THR A 141 27.22 -24.57 9.11
C THR A 141 26.73 -25.83 8.41
N PRO A 142 27.27 -26.16 7.21
CA PRO A 142 27.03 -27.47 6.59
C PRO A 142 27.76 -28.59 7.33
N LEU A 143 27.16 -29.78 7.38
CA LEU A 143 27.78 -31.00 7.99
C LEU A 143 27.46 -32.23 7.14
N ASN A 144 28.32 -33.24 7.22
CA ASN A 144 28.12 -34.60 6.66
C ASN A 144 28.21 -35.61 7.80
N ALA A 145 27.50 -36.75 7.69
CA ALA A 145 27.50 -37.84 8.69
C ALA A 145 28.86 -38.54 8.70
N GLN A 146 29.64 -38.42 7.61
CA GLN A 146 30.98 -39.04 7.42
C GLN A 146 32.09 -38.08 7.88
N ASP A 147 31.73 -36.86 8.31
CA ASP A 147 32.71 -35.84 8.80
C ASP A 147 33.21 -36.24 10.19
N ASP A 148 34.54 -36.32 10.35
CA ASP A 148 35.24 -36.51 11.65
C ASP A 148 35.58 -35.13 12.22
N LEU A 149 34.79 -34.66 13.19
CA LEU A 149 34.91 -33.29 13.78
C LEU A 149 36.12 -33.25 14.74
N SER A 150 36.84 -32.12 14.75
CA SER A 150 37.88 -31.78 15.74
C SER A 150 37.27 -31.70 17.14
N SER A 151 38.09 -31.78 18.19
CA SER A 151 37.68 -31.59 19.60
C SER A 151 37.19 -30.14 19.79
N GLU A 152 37.80 -29.19 19.08
CA GLU A 152 37.40 -27.76 19.06
C GLU A 152 36.05 -27.63 18.35
N GLU A 153 35.87 -28.33 17.22
CA GLU A 153 34.62 -28.34 16.42
C GLU A 153 33.49 -29.02 17.22
N SER A 154 33.74 -30.25 17.68
CA SER A 154 32.77 -31.05 18.47
C SER A 154 32.36 -30.26 19.72
N LYS A 155 33.30 -29.59 20.37
CA LYS A 155 33.04 -28.77 21.57
C LYS A 155 32.08 -27.63 21.20
N LYS A 156 32.34 -26.97 20.06
CA LYS A 156 31.56 -25.78 19.62
C LYS A 156 30.11 -26.18 19.35
N LEU A 157 29.93 -27.31 18.65
CA LEU A 157 28.61 -27.81 18.16
C LEU A 157 27.78 -28.34 19.32
N ASN A 158 28.38 -29.11 20.23
CA ASN A 158 27.67 -29.92 21.25
C ASN A 158 27.24 -29.03 22.43
N LYS A 159 26.31 -28.10 22.21
CA LYS A 159 25.78 -27.17 23.25
C LYS A 159 24.26 -27.07 23.12
N SER A 160 23.51 -27.60 24.10
CA SER A 160 22.02 -27.47 24.17
C SER A 160 21.40 -27.88 22.83
N VAL A 161 21.69 -29.08 22.35
CA VAL A 161 21.36 -29.53 20.97
C VAL A 161 19.88 -29.90 20.88
N ILE A 162 19.18 -29.40 19.87
CA ILE A 162 17.85 -29.90 19.45
C ILE A 162 18.09 -30.74 18.20
N LEU A 163 17.81 -32.04 18.26
CA LEU A 163 17.96 -32.96 17.09
C LEU A 163 16.69 -32.84 16.24
N ASP A 164 16.82 -32.20 15.07
CA ASP A 164 15.71 -31.85 14.15
C ASP A 164 15.89 -32.69 12.87
N ILE A 165 15.14 -33.79 12.75
CA ILE A 165 15.29 -34.76 11.62
C ILE A 165 14.04 -34.73 10.73
N ASP A 166 14.26 -34.48 9.44
CA ASP A 166 13.26 -34.70 8.37
C ASP A 166 13.66 -35.98 7.65
N ILE A 167 12.77 -36.96 7.58
CA ILE A 167 13.14 -38.31 7.06
C ILE A 167 13.39 -38.25 5.55
N ASP A 168 13.20 -37.09 4.90
CA ASP A 168 13.51 -36.93 3.45
C ASP A 168 15.03 -36.85 3.26
N TYR A 169 15.82 -36.66 4.33
CA TYR A 169 17.30 -36.71 4.37
C TYR A 169 17.78 -38.11 3.94
N PHE A 170 17.04 -39.16 4.29
CA PHE A 170 17.42 -40.57 4.05
C PHE A 170 17.05 -40.99 2.62
N SER A 171 15.93 -40.51 2.09
CA SER A 171 15.42 -40.81 0.73
C SER A 171 14.33 -39.80 0.35
N CYS A 172 14.52 -39.05 -0.75
CA CYS A 172 13.71 -37.86 -1.11
C CYS A 172 13.13 -37.98 -2.53
N ASP A 173 11.97 -37.35 -2.75
CA ASP A 173 11.28 -37.23 -4.07
C ASP A 173 10.84 -35.78 -4.25
N ASN A 174 11.70 -34.95 -4.85
CA ASN A 174 11.50 -33.49 -5.01
C ASN A 174 10.36 -33.20 -6.02
N VAL A 175 10.14 -34.11 -6.98
CA VAL A 175 9.12 -33.97 -8.06
C VAL A 175 7.73 -34.09 -7.42
N SER A 176 7.52 -35.11 -6.58
CA SER A 176 6.25 -35.35 -5.83
C SER A 176 6.05 -34.23 -4.81
N GLY A 177 7.12 -33.82 -4.10
CA GLY A 177 7.11 -32.79 -3.06
C GLY A 177 6.69 -31.42 -3.59
N GLU A 178 7.14 -31.08 -4.81
CA GLU A 178 6.97 -29.73 -5.42
C GLU A 178 5.62 -29.63 -6.14
N TYR A 179 4.96 -30.77 -6.39
CA TYR A 179 3.68 -30.81 -7.16
C TYR A 179 2.54 -30.25 -6.30
N LEU A 180 1.90 -29.17 -6.78
CA LEU A 180 0.75 -28.50 -6.11
C LEU A 180 -0.43 -28.46 -7.09
N GLU A 181 -1.64 -28.67 -6.57
CA GLU A 181 -2.90 -28.56 -7.34
C GLU A 181 -4.00 -28.01 -6.41
N VAL A 182 -4.87 -27.16 -6.95
CA VAL A 182 -6.01 -26.52 -6.23
C VAL A 182 -7.27 -26.67 -7.09
N GLU A 183 -8.40 -27.02 -6.46
CA GLU A 183 -9.72 -27.17 -7.14
C GLU A 183 -10.22 -25.77 -7.53
N ILE A 184 -10.53 -25.57 -8.82
CA ILE A 184 -10.99 -24.25 -9.36
C ILE A 184 -12.40 -24.41 -9.91
N THR A 185 -13.03 -23.30 -10.27
CA THR A 185 -14.42 -23.24 -10.83
C THR A 185 -14.36 -23.52 -12.33
N GLU A 186 -15.50 -23.88 -12.92
CA GLU A 186 -15.69 -24.10 -14.38
C GLU A 186 -15.22 -22.86 -15.15
N GLU A 187 -15.68 -21.68 -14.72
CA GLU A 187 -15.40 -20.37 -15.37
C GLU A 187 -13.87 -20.20 -15.46
N ALA A 188 -13.17 -20.41 -14.34
CA ALA A 188 -11.71 -20.24 -14.22
C ALA A 188 -11.02 -21.22 -15.18
N TYR A 189 -11.50 -22.46 -15.24
CA TYR A 189 -10.93 -23.55 -16.08
C TYR A 189 -11.07 -23.17 -17.56
N TYR A 190 -12.27 -22.79 -17.99
CA TYR A 190 -12.56 -22.54 -19.43
C TYR A 190 -11.89 -21.24 -19.88
N ASP A 191 -11.69 -20.26 -19.00
CA ASP A 191 -10.96 -19.01 -19.37
C ASP A 191 -9.50 -19.36 -19.66
N TYR A 192 -8.89 -20.25 -18.87
CA TYR A 192 -7.48 -20.69 -19.06
C TYR A 192 -7.34 -21.38 -20.42
N ILE A 193 -8.33 -22.23 -20.76
CA ILE A 193 -8.37 -23.09 -21.98
C ILE A 193 -8.56 -22.24 -23.25
N ASN A 194 -9.47 -21.27 -23.24
CA ASN A 194 -9.96 -20.56 -24.46
C ASN A 194 -9.25 -19.22 -24.65
N ASN A 195 -9.00 -18.48 -23.56
CA ASN A 195 -8.38 -17.13 -23.58
C ASN A 195 -6.86 -17.29 -23.65
N LEU A 196 -6.24 -16.74 -24.71
CA LEU A 196 -4.76 -16.76 -24.93
C LEU A 196 -4.09 -15.77 -23.97
N TYR A 197 -4.79 -14.72 -23.56
CA TYR A 197 -4.26 -13.61 -22.73
C TYR A 197 -4.69 -13.77 -21.27
N ASN A 198 -5.28 -14.92 -20.92
CA ASN A 198 -5.53 -15.35 -19.52
C ASN A 198 -4.21 -15.23 -18.74
N LYS A 199 -4.22 -14.52 -17.61
CA LYS A 199 -2.99 -14.05 -16.90
C LYS A 199 -2.20 -15.23 -16.34
N LEU A 200 -2.86 -16.34 -15.96
CA LEU A 200 -2.17 -17.58 -15.47
C LEU A 200 -1.28 -18.14 -16.58
N ARG A 201 -1.82 -18.18 -17.80
CA ARG A 201 -1.19 -18.69 -19.04
C ARG A 201 0.09 -17.93 -19.42
N ILE A 202 -0.01 -16.60 -19.53
CA ILE A 202 1.04 -15.70 -20.09
C ILE A 202 2.15 -15.47 -19.04
N CYS A 203 1.84 -15.59 -17.75
CA CYS A 203 2.79 -15.35 -16.64
C CYS A 203 3.61 -16.61 -16.35
N TRP A 204 3.01 -17.80 -16.47
CA TRP A 204 3.61 -19.06 -15.98
C TRP A 204 3.84 -20.10 -17.09
N GLY A 205 3.16 -19.99 -18.25
CA GLY A 205 3.42 -20.83 -19.43
C GLY A 205 3.38 -22.31 -19.10
N GLY A 206 4.48 -23.03 -19.35
CA GLY A 206 4.59 -24.50 -19.21
C GLY A 206 4.87 -24.95 -17.78
N ASN A 207 4.98 -24.01 -16.83
CA ASN A 207 5.22 -24.28 -15.39
C ASN A 207 3.89 -24.58 -14.68
N ALA A 208 2.74 -24.35 -15.34
CA ALA A 208 1.40 -24.64 -14.81
C ALA A 208 0.54 -25.30 -15.90
N SER A 209 -0.61 -25.84 -15.51
CA SER A 209 -1.61 -26.46 -16.42
C SER A 209 -2.95 -26.60 -15.68
N VAL A 210 -3.97 -27.09 -16.37
CA VAL A 210 -5.31 -27.36 -15.78
C VAL A 210 -5.68 -28.80 -16.12
N LYS A 211 -6.57 -29.42 -15.34
CA LYS A 211 -7.00 -30.83 -15.58
C LYS A 211 -8.43 -31.02 -15.09
N TYR A 212 -9.17 -31.88 -15.79
CA TYR A 212 -10.56 -32.28 -15.48
C TYR A 212 -10.54 -33.70 -14.93
N MSE A 213 -11.00 -33.88 -13.69
CA MSE A 213 -10.98 -35.19 -13.07
C MSE A 213 -12.27 -35.41 -12.27
O MSE A 213 -12.55 -34.67 -11.34
CB MSE A 213 -9.76 -35.34 -12.17
CG MSE A 213 -9.54 -36.75 -11.64
SE MSE A 213 -7.85 -36.88 -10.66
CE MSE A 213 -7.80 -35.51 -9.26
N ASP A 214 -13.02 -36.45 -12.66
CA ASP A 214 -14.24 -36.87 -11.97
C ASP A 214 -15.20 -35.68 -11.84
N GLY A 215 -15.40 -34.93 -12.93
CA GLY A 215 -16.34 -33.80 -12.98
C GLY A 215 -15.83 -32.58 -12.23
N LYS A 216 -14.54 -32.51 -11.92
CA LYS A 216 -13.94 -31.37 -11.17
C LYS A 216 -12.75 -30.80 -11.95
N TYR A 217 -12.44 -29.53 -11.71
CA TYR A 217 -11.39 -28.75 -12.42
C TYR A 217 -10.30 -28.37 -11.41
N TYR A 218 -9.03 -28.51 -11.79
CA TYR A 218 -7.85 -28.24 -10.94
C TYR A 218 -6.84 -27.38 -11.71
N PHE A 219 -6.16 -26.50 -10.99
CA PHE A 219 -4.99 -25.73 -11.48
C PHE A 219 -3.75 -26.38 -10.87
N CYS A 220 -2.80 -26.81 -11.70
CA CYS A 220 -1.64 -27.63 -11.26
C CYS A 220 -0.33 -26.89 -11.53
N ILE A 221 0.53 -26.81 -10.52
CA ILE A 221 1.91 -26.27 -10.63
C ILE A 221 2.85 -27.47 -10.85
N ILE A 222 3.52 -27.50 -12.01
CA ILE A 222 4.17 -28.72 -12.57
C ILE A 222 5.62 -28.39 -12.94
N GLN A 223 6.47 -29.42 -13.04
CA GLN A 223 7.89 -29.32 -13.45
C GLN A 223 8.01 -29.71 -14.92
N PRO A 224 8.35 -28.77 -15.84
CA PRO A 224 8.59 -29.13 -17.25
C PRO A 224 9.86 -29.99 -17.36
N ASP A 225 9.93 -30.83 -18.40
CA ASP A 225 11.03 -31.81 -18.59
C ASP A 225 11.21 -32.57 -17.26
N LYS A 226 10.10 -33.10 -16.74
CA LYS A 226 10.00 -33.79 -15.43
C LYS A 226 10.90 -35.03 -15.39
N LEU A 227 10.94 -35.77 -16.50
CA LEU A 227 11.69 -37.05 -16.66
C LEU A 227 13.19 -36.85 -16.38
N VAL A 228 13.75 -35.69 -16.74
CA VAL A 228 15.21 -35.38 -16.65
C VAL A 228 15.56 -34.89 -15.23
N ALA A 229 14.56 -34.52 -14.41
CA ALA A 229 14.76 -34.01 -13.03
C ALA A 229 15.42 -35.09 -12.16
N GLU A 230 16.26 -34.68 -11.20
CA GLU A 230 17.05 -35.57 -10.31
C GLU A 230 16.11 -36.49 -9.52
N ASN A 231 16.58 -37.70 -9.20
CA ASN A 231 15.86 -38.69 -8.34
C ASN A 231 16.76 -39.02 -7.15
N LEU A 232 16.33 -38.65 -5.94
CA LEU A 232 17.08 -38.85 -4.67
C LEU A 232 16.46 -40.02 -3.89
N LYS A 233 15.50 -40.73 -4.48
CA LYS A 233 14.91 -41.95 -3.90
C LYS A 233 15.98 -43.05 -3.95
N VAL A 234 16.33 -43.61 -2.79
CA VAL A 234 17.36 -44.68 -2.68
C VAL A 234 16.69 -45.97 -2.17
N SER A 235 17.45 -47.06 -2.12
CA SER A 235 17.00 -48.40 -1.66
C SER A 235 16.87 -48.44 -0.14
N GLU A 236 16.23 -49.47 0.39
CA GLU A 236 16.08 -49.70 1.85
C GLU A 236 17.47 -49.90 2.45
N ASP A 237 18.34 -50.65 1.76
CA ASP A 237 19.72 -50.93 2.21
C ASP A 237 20.49 -49.61 2.33
N ALA A 238 20.36 -48.74 1.33
CA ALA A 238 20.96 -47.38 1.32
C ALA A 238 20.43 -46.60 2.54
N ILE A 239 19.11 -46.67 2.78
CA ILE A 239 18.43 -45.98 3.92
C ILE A 239 19.07 -46.45 5.23
N VAL A 240 19.19 -47.77 5.40
CA VAL A 240 19.74 -48.42 6.64
C VAL A 240 21.18 -47.93 6.84
N GLU A 241 21.98 -47.95 5.78
CA GLU A 241 23.39 -47.51 5.79
C GLU A 241 23.44 -46.04 6.25
N ARG A 242 22.48 -45.23 5.81
CA ARG A 242 22.43 -43.76 6.07
C ARG A 242 21.97 -43.49 7.51
N ILE A 243 21.07 -44.32 8.06
CA ILE A 243 20.60 -44.21 9.49
C ILE A 243 21.78 -44.60 10.40
N ASP A 244 22.49 -45.67 10.07
CA ASP A 244 23.71 -46.14 10.80
C ASP A 244 24.75 -45.02 10.83
N ALA A 245 24.97 -44.36 9.69
CA ALA A 245 25.94 -43.26 9.51
C ALA A 245 25.62 -42.10 10.46
N LEU A 246 24.34 -41.75 10.61
CA LEU A 246 23.86 -40.70 11.53
C LEU A 246 24.10 -41.14 12.98
N ILE A 247 23.69 -42.36 13.34
CA ILE A 247 23.82 -42.95 14.70
C ILE A 247 25.32 -42.95 15.10
N ASP A 248 26.20 -43.27 14.16
CA ASP A 248 27.69 -43.27 14.36
C ASP A 248 28.16 -41.85 14.66
N PHE A 249 27.72 -40.88 13.85
CA PHE A 249 28.06 -39.43 13.99
C PHE A 249 27.59 -38.91 15.35
N LEU A 250 26.40 -39.33 15.79
CA LEU A 250 25.79 -38.91 17.09
C LEU A 250 26.58 -39.51 18.26
N LYS A 251 27.01 -40.77 18.15
CA LYS A 251 27.82 -41.49 19.17
C LYS A 251 29.21 -40.85 19.25
N VAL A 252 29.91 -40.73 18.12
CA VAL A 252 31.32 -40.24 17.99
C VAL A 252 31.45 -38.87 18.69
N ASN A 253 30.53 -37.94 18.40
CA ASN A 253 30.57 -36.54 18.90
C ASN A 253 29.89 -36.42 20.27
N GLU A 254 29.39 -37.55 20.80
CA GLU A 254 28.75 -37.65 22.15
C GLU A 254 27.62 -36.63 22.26
N ILE A 255 26.74 -36.60 21.24
CA ILE A 255 25.56 -35.69 21.18
C ILE A 255 24.50 -36.23 22.15
N GLN A 256 24.07 -35.41 23.12
CA GLN A 256 22.99 -35.71 24.09
C GLN A 256 21.90 -34.64 23.92
N PRO A 257 20.96 -34.82 22.96
CA PRO A 257 19.95 -33.80 22.68
C PRO A 257 19.03 -33.53 23.88
N LYS A 258 18.68 -32.26 24.09
CA LYS A 258 17.70 -31.79 25.11
C LYS A 258 16.28 -32.00 24.58
N LEU A 259 16.14 -32.12 23.25
CA LEU A 259 14.85 -32.33 22.54
C LEU A 259 15.13 -33.00 21.18
N ILE A 260 14.43 -34.09 20.87
CA ILE A 260 14.42 -34.74 19.52
C ILE A 260 13.04 -34.49 18.89
N ASP A 261 13.01 -34.09 17.61
CA ASP A 261 11.76 -33.95 16.82
C ASP A 261 11.99 -34.61 15.45
N VAL A 262 11.01 -35.38 14.98
CA VAL A 262 11.04 -36.13 13.69
C VAL A 262 9.89 -35.64 12.81
N CYS A 263 10.17 -35.35 11.52
CA CYS A 263 9.19 -34.89 10.51
C CYS A 263 9.07 -35.94 9.39
N ARG A 264 7.84 -36.34 9.06
CA ARG A 264 7.53 -37.43 8.10
C ARG A 264 7.65 -36.92 6.66
N SER A 265 7.06 -35.76 6.36
CA SER A 265 7.06 -35.10 5.02
C SER A 265 6.50 -36.06 3.97
N ARG A 266 5.51 -36.87 4.34
CA ARG A 266 4.87 -37.90 3.45
C ARG A 266 3.57 -37.33 2.85
N LEU A 267 2.88 -36.44 3.58
CA LEU A 267 1.65 -35.76 3.08
C LEU A 267 2.02 -34.71 2.02
N SER A 268 3.14 -34.01 2.22
CA SER A 268 3.75 -33.08 1.22
C SER A 268 4.35 -33.90 0.06
N GLY A 269 4.77 -35.14 0.34
CA GLY A 269 5.21 -36.12 -0.67
C GLY A 269 6.69 -36.03 -0.98
N TYR A 270 7.47 -35.35 -0.12
CA TYR A 270 8.94 -35.23 -0.25
C TYR A 270 9.59 -36.56 0.15
N THR A 271 9.04 -37.21 1.18
CA THR A 271 9.36 -38.61 1.56
C THR A 271 8.48 -39.54 0.73
N PRO A 272 9.06 -40.49 -0.05
CA PRO A 272 8.26 -41.45 -0.80
C PRO A 272 7.26 -42.19 0.08
N ASN A 273 6.03 -42.39 -0.42
CA ASN A 273 4.87 -42.88 0.37
C ASN A 273 5.04 -44.36 0.72
N ASP A 274 5.81 -45.11 -0.08
CA ASP A 274 6.03 -46.57 0.11
C ASP A 274 7.21 -46.82 1.07
N GLN A 275 7.95 -45.77 1.46
CA GLN A 275 9.21 -45.88 2.26
C GLN A 275 9.06 -45.23 3.65
N TRP A 276 8.14 -44.28 3.83
CA TRP A 276 8.11 -43.36 5.00
C TRP A 276 7.94 -44.15 6.31
N GLU A 277 7.14 -45.22 6.29
CA GLU A 277 6.88 -46.08 7.48
C GLU A 277 8.17 -46.83 7.84
N PHE A 278 8.86 -47.36 6.82
CA PHE A 278 10.11 -48.13 6.98
C PHE A 278 11.22 -47.22 7.51
N ILE A 279 11.33 -46.00 6.99
CA ILE A 279 12.39 -45.02 7.39
C ILE A 279 12.17 -44.64 8.86
N GLU A 280 10.94 -44.27 9.22
CA GLU A 280 10.57 -43.80 10.59
C GLU A 280 10.84 -44.89 11.62
N ASN A 281 10.34 -46.11 11.38
CA ASN A 281 10.43 -47.27 12.32
C ASN A 281 11.90 -47.62 12.56
N THR A 282 12.70 -47.71 11.50
CA THR A 282 14.15 -48.04 11.54
C THR A 282 14.91 -46.94 12.29
N LEU A 283 14.61 -45.67 12.00
CA LEU A 283 15.25 -44.48 12.64
C LEU A 283 15.00 -44.51 14.16
N VAL A 284 13.74 -44.68 14.57
CA VAL A 284 13.29 -44.71 16.01
C VAL A 284 13.96 -45.90 16.70
N GLU A 285 14.04 -47.05 16.02
CA GLU A 285 14.63 -48.31 16.55
C GLU A 285 16.13 -48.10 16.82
N LYS A 286 16.85 -47.42 15.92
CA LYS A 286 18.32 -47.26 15.98
C LYS A 286 18.70 -46.04 16.84
N LEU A 287 17.77 -45.09 17.04
CA LEU A 287 17.95 -43.95 17.96
C LEU A 287 17.83 -44.43 19.42
N SER A 288 17.01 -45.46 19.67
CA SER A 288 16.76 -46.05 21.01
C SER A 288 17.97 -46.87 21.48
N SER A 289 18.89 -47.21 20.57
CA SER A 289 20.14 -47.96 20.86
C SER A 289 21.18 -47.03 21.51
N ILE A 290 21.01 -45.70 21.39
CA ILE A 290 21.96 -44.67 21.92
C ILE A 290 21.25 -43.70 22.88
N TYR A 291 19.91 -43.60 22.82
CA TYR A 291 19.10 -42.68 23.66
C TYR A 291 17.95 -43.45 24.34
N GLU A 292 17.41 -42.87 25.42
CA GLU A 292 16.17 -43.31 26.10
C GLU A 292 15.08 -42.26 25.84
N PHE A 293 13.92 -42.68 25.36
CA PHE A 293 12.78 -41.78 25.00
C PHE A 293 11.52 -42.60 24.76
N GLU A 294 10.36 -41.91 24.75
CA GLU A 294 9.04 -42.47 24.37
C GLU A 294 8.42 -41.52 23.34
N PRO A 295 8.46 -41.85 22.02
CA PRO A 295 7.95 -40.95 20.99
C PRO A 295 6.46 -40.62 21.18
N ILE A 296 6.11 -39.34 21.12
CA ILE A 296 4.72 -38.81 21.22
C ILE A 296 4.41 -37.99 19.95
N PHE A 297 3.26 -38.22 19.33
CA PHE A 297 2.79 -37.50 18.12
C PHE A 297 2.38 -36.08 18.51
N VAL A 298 2.64 -35.11 17.62
CA VAL A 298 2.46 -33.64 17.85
C VAL A 298 1.01 -33.35 18.27
N SER A 299 0.05 -34.18 17.85
CA SER A 299 -1.40 -34.06 18.19
C SER A 299 -1.60 -33.91 19.70
N GLU A 300 -0.82 -34.64 20.51
CA GLU A 300 -0.94 -34.67 22.00
C GLU A 300 -0.55 -33.30 22.60
N LEU A 301 0.35 -32.56 21.95
CA LEU A 301 0.74 -31.18 22.37
C LEU A 301 -0.38 -30.20 22.00
N SER A 302 -0.90 -30.30 20.77
CA SER A 302 -2.04 -29.49 20.25
C SER A 302 -3.25 -29.66 21.16
N LYS A 303 -3.47 -30.89 21.63
CA LYS A 303 -4.57 -31.29 22.55
C LYS A 303 -4.57 -30.38 23.79
N LYS A 304 -3.42 -30.25 24.45
CA LYS A 304 -3.27 -29.49 25.73
C LYS A 304 -3.53 -27.99 25.47
N VAL A 305 -3.01 -27.46 24.37
CA VAL A 305 -3.07 -26.00 24.04
C VAL A 305 -4.52 -25.60 23.81
N LEU A 306 -5.28 -26.39 23.06
CA LEU A 306 -6.68 -26.06 22.63
C LEU A 306 -7.64 -26.20 23.82
N VAL A 307 -7.26 -26.96 24.86
CA VAL A 307 -8.01 -27.07 26.15
C VAL A 307 -7.97 -25.70 26.84
N LYS B 4 8.88 0.77 -46.56
CA LYS B 4 8.07 0.53 -45.32
C LYS B 4 8.81 -0.47 -44.42
N ILE B 5 8.91 -0.17 -43.12
CA ILE B 5 9.45 -1.09 -42.08
C ILE B 5 8.30 -1.96 -41.60
N PRO B 6 8.50 -3.30 -41.44
CA PRO B 6 7.47 -4.16 -40.85
C PRO B 6 7.18 -3.73 -39.41
N PHE B 7 5.91 -3.42 -39.11
CA PHE B 7 5.43 -2.88 -37.81
C PHE B 7 4.26 -3.75 -37.32
N TYR B 8 4.36 -4.25 -36.08
CA TYR B 8 3.38 -5.21 -35.49
C TYR B 8 3.10 -4.86 -34.04
N ILE B 9 1.83 -5.01 -33.62
CA ILE B 9 1.33 -4.68 -32.26
C ILE B 9 0.72 -5.94 -31.64
N MSE B 10 1.10 -6.24 -30.40
CA MSE B 10 0.65 -7.44 -29.69
C MSE B 10 0.10 -7.03 -28.34
O MSE B 10 0.45 -5.97 -27.83
CB MSE B 10 1.82 -8.41 -29.52
CG MSE B 10 2.74 -8.03 -28.38
SE MSE B 10 4.59 -8.59 -28.70
CE MSE B 10 5.23 -7.63 -30.27
N GLU B 11 -0.71 -7.91 -27.73
CA GLU B 11 -1.28 -7.69 -26.41
C GLU B 11 -0.24 -8.01 -25.32
N GLU B 12 0.43 -9.15 -25.44
CA GLU B 12 1.38 -9.66 -24.40
C GLU B 12 2.70 -10.08 -25.07
N HIS B 13 3.80 -9.98 -24.31
CA HIS B 13 5.17 -9.90 -24.84
C HIS B 13 5.65 -11.25 -25.40
N ASN B 14 5.14 -12.38 -24.90
CA ASN B 14 5.51 -13.73 -25.41
C ASN B 14 5.29 -13.77 -26.93
N GLU B 15 4.37 -12.96 -27.45
CA GLU B 15 3.97 -12.93 -28.89
C GLU B 15 5.13 -12.40 -29.76
N ALA B 16 6.08 -11.67 -29.17
CA ALA B 16 7.26 -11.10 -29.86
C ALA B 16 8.08 -12.23 -30.50
N PHE B 17 8.19 -13.37 -29.82
CA PHE B 17 8.92 -14.59 -30.26
C PHE B 17 8.36 -15.06 -31.61
N PHE B 18 7.03 -15.11 -31.73
CA PHE B 18 6.28 -15.54 -32.94
C PHE B 18 6.56 -14.55 -34.09
N ILE B 19 6.55 -13.25 -33.80
CA ILE B 19 6.76 -12.15 -34.80
C ILE B 19 8.18 -12.22 -35.35
N TRP B 20 9.18 -12.45 -34.49
CA TRP B 20 10.61 -12.54 -34.88
C TRP B 20 10.80 -13.68 -35.88
N HIS B 21 10.32 -14.88 -35.55
CA HIS B 21 10.44 -16.11 -36.39
C HIS B 21 9.68 -15.94 -37.70
N TYR B 22 8.53 -15.26 -37.69
CA TYR B 22 7.72 -14.94 -38.90
C TYR B 22 8.54 -14.04 -39.83
N ALA B 23 9.22 -13.04 -39.26
CA ALA B 23 10.07 -12.06 -39.98
C ALA B 23 11.21 -12.79 -40.68
N VAL B 24 11.83 -13.77 -40.02
CA VAL B 24 12.93 -14.62 -40.58
C VAL B 24 12.38 -15.44 -41.75
N ALA B 25 11.18 -16.01 -41.59
CA ALA B 25 10.49 -16.86 -42.59
C ALA B 25 10.21 -16.05 -43.86
N GLU B 26 9.69 -14.82 -43.71
CA GLU B 26 9.39 -13.90 -44.84
C GLU B 26 10.69 -13.29 -45.38
N GLY B 27 11.71 -13.18 -44.53
CA GLY B 27 13.04 -12.63 -44.87
C GLY B 27 13.11 -11.13 -44.69
N TRP B 28 12.31 -10.58 -43.76
CA TRP B 28 12.35 -9.14 -43.37
C TRP B 28 13.62 -8.87 -42.58
N ILE B 29 14.03 -9.83 -41.75
CA ILE B 29 15.30 -9.80 -40.97
C ILE B 29 16.09 -11.07 -41.28
N ASN B 30 17.39 -11.09 -40.95
CA ASN B 30 18.28 -12.24 -41.23
C ASN B 30 17.97 -13.38 -40.26
N LYS B 31 18.40 -14.59 -40.63
CA LYS B 31 18.28 -15.84 -39.85
C LYS B 31 18.92 -15.64 -38.47
N ASN B 32 20.09 -15.00 -38.44
CA ASN B 32 20.88 -14.81 -37.19
C ASN B 32 21.64 -13.48 -37.26
N GLN B 33 22.38 -13.16 -36.19
CA GLN B 33 23.26 -11.98 -36.04
C GLN B 33 22.43 -10.68 -36.05
N ASN B 34 21.19 -10.74 -35.54
CA ASN B 34 20.31 -9.55 -35.39
C ASN B 34 20.62 -8.88 -34.05
N THR B 35 20.20 -7.63 -33.89
CA THR B 35 20.30 -6.85 -32.63
C THR B 35 18.90 -6.62 -32.07
N LEU B 36 18.67 -7.03 -30.82
CA LEU B 36 17.42 -6.75 -30.06
C LEU B 36 17.60 -5.45 -29.28
N LEU B 37 16.89 -4.39 -29.68
CA LEU B 37 16.77 -3.11 -28.93
C LEU B 37 15.50 -3.21 -28.07
N HIS B 38 15.63 -3.80 -26.88
CA HIS B 38 14.51 -4.19 -25.98
C HIS B 38 14.16 -3.00 -25.08
N VAL B 39 13.10 -2.27 -25.43
CA VAL B 39 12.63 -1.04 -24.71
C VAL B 39 11.48 -1.45 -23.77
N ASP B 40 11.80 -1.67 -22.50
CA ASP B 40 10.84 -2.25 -21.52
C ASP B 40 11.27 -1.88 -20.11
N GLU B 41 10.31 -1.80 -19.18
CA GLU B 41 10.56 -1.57 -17.74
C GLU B 41 11.26 -2.81 -17.17
N HIS B 42 10.97 -3.99 -17.71
CA HIS B 42 11.48 -5.27 -17.18
C HIS B 42 12.41 -5.91 -18.22
N SER B 43 13.43 -6.65 -17.76
CA SER B 43 14.48 -7.22 -18.63
C SER B 43 13.93 -8.41 -19.44
N ASP B 44 12.95 -9.13 -18.90
CA ASP B 44 12.38 -10.37 -19.50
C ASP B 44 13.51 -11.36 -19.77
N LEU B 45 14.38 -11.56 -18.77
CA LEU B 45 15.54 -12.48 -18.84
C LEU B 45 15.38 -13.59 -17.79
N VAL B 46 14.19 -14.19 -17.72
CA VAL B 46 13.96 -15.47 -16.98
C VAL B 46 14.47 -16.61 -17.89
N VAL B 47 15.35 -17.46 -17.35
CA VAL B 47 15.93 -18.63 -18.09
C VAL B 47 14.90 -19.75 -18.05
N PRO B 48 14.22 -20.05 -19.17
CA PRO B 48 13.15 -21.06 -19.19
C PRO B 48 13.63 -22.53 -19.17
N ILE B 49 12.81 -23.40 -18.54
CA ILE B 49 12.82 -24.88 -18.76
C ILE B 49 11.60 -25.17 -19.63
N LEU B 50 11.79 -25.88 -20.75
CA LEU B 50 10.70 -26.08 -21.75
C LEU B 50 10.44 -27.58 -21.93
N ASN B 51 9.20 -27.95 -22.24
CA ASN B 51 8.79 -29.34 -22.57
C ASN B 51 9.29 -29.66 -23.99
N SER B 52 9.13 -28.73 -24.92
CA SER B 52 9.55 -28.85 -26.34
C SER B 52 11.01 -28.41 -26.50
N SER B 53 11.77 -29.11 -27.34
CA SER B 53 13.15 -28.75 -27.76
C SER B 53 13.09 -27.54 -28.70
N LEU B 54 13.88 -26.50 -28.43
CA LEU B 54 13.96 -25.26 -29.24
C LEU B 54 14.59 -25.56 -30.62
N LYS B 55 15.26 -26.71 -30.77
CA LYS B 55 15.76 -27.23 -32.06
C LYS B 55 14.56 -27.56 -32.97
N SER B 56 13.55 -28.24 -32.42
CA SER B 56 12.37 -28.77 -33.15
C SER B 56 11.36 -27.64 -33.43
N VAL B 57 11.23 -26.68 -32.53
CA VAL B 57 10.25 -25.55 -32.60
C VAL B 57 10.50 -24.72 -33.86
N ASN B 58 11.77 -24.59 -34.27
CA ASN B 58 12.25 -23.65 -35.33
C ASN B 58 11.78 -24.12 -36.71
N GLU B 59 11.47 -25.41 -36.87
CA GLU B 59 11.30 -26.10 -38.19
C GLU B 59 10.22 -25.41 -39.04
N ASN B 60 9.05 -25.11 -38.48
CA ASN B 60 7.92 -24.45 -39.20
C ASN B 60 7.20 -23.45 -38.28
N ILE B 61 6.51 -22.48 -38.89
CA ILE B 61 5.91 -21.30 -38.21
C ILE B 61 4.70 -21.72 -37.37
N LYS B 62 3.96 -22.74 -37.82
CA LYS B 62 2.78 -23.29 -37.09
C LYS B 62 3.24 -23.86 -35.74
N ARG B 63 4.42 -24.50 -35.72
CA ARG B 63 5.04 -25.09 -34.50
C ARG B 63 5.51 -23.96 -33.58
N VAL B 64 6.06 -22.89 -34.14
CA VAL B 64 6.51 -21.65 -33.42
C VAL B 64 5.29 -21.00 -32.75
N HIS B 65 4.20 -20.86 -33.50
CA HIS B 65 2.93 -20.22 -33.04
C HIS B 65 2.38 -20.96 -31.81
N ASP B 66 2.27 -22.29 -31.89
CA ASP B 66 1.71 -23.16 -30.82
C ASP B 66 2.59 -23.03 -29.57
N PHE B 67 3.91 -23.09 -29.73
CA PHE B 67 4.93 -22.96 -28.65
C PHE B 67 4.77 -21.61 -27.95
N THR B 68 4.56 -20.53 -28.73
CA THR B 68 4.49 -19.13 -28.26
C THR B 68 3.37 -18.96 -27.23
N TYR B 69 2.20 -19.56 -27.48
CA TYR B 69 0.97 -19.41 -26.65
C TYR B 69 0.78 -20.62 -25.73
N SER B 70 1.82 -21.47 -25.59
CA SER B 70 1.79 -22.70 -24.76
C SER B 70 2.82 -22.61 -23.63
N GLU B 71 4.11 -22.58 -23.97
CA GLU B 71 5.25 -22.76 -23.03
C GLU B 71 5.91 -21.41 -22.70
N LEU B 72 5.76 -20.41 -23.56
CA LEU B 72 6.41 -19.08 -23.41
C LEU B 72 5.58 -18.18 -22.51
N THR B 73 6.23 -17.58 -21.50
CA THR B 73 5.64 -16.57 -20.58
C THR B 73 6.04 -15.19 -21.10
N ILE B 74 5.59 -14.13 -20.42
CA ILE B 74 5.83 -12.71 -20.83
C ILE B 74 7.20 -12.23 -20.31
N ALA B 75 8.00 -13.11 -19.69
CA ALA B 75 9.31 -12.74 -19.10
C ALA B 75 10.40 -13.77 -19.44
N ASN B 76 10.17 -14.71 -20.35
CA ASN B 76 11.14 -15.82 -20.63
C ASN B 76 11.28 -16.08 -22.14
N PHE B 77 10.97 -15.09 -22.98
CA PHE B 77 10.84 -15.26 -24.45
C PHE B 77 12.10 -14.80 -25.19
N ILE B 78 13.10 -14.26 -24.49
CA ILE B 78 14.32 -13.67 -25.13
C ILE B 78 15.43 -14.72 -25.20
N TYR B 79 15.74 -15.38 -24.08
CA TYR B 79 16.84 -16.39 -23.98
C TYR B 79 16.60 -17.52 -24.97
N PRO B 80 15.35 -17.99 -25.20
CA PRO B 80 15.05 -18.92 -26.30
C PRO B 80 15.53 -18.41 -27.66
N ALA B 81 15.26 -17.15 -27.98
CA ALA B 81 15.64 -16.49 -29.26
C ALA B 81 17.17 -16.36 -29.34
N LEU B 82 17.84 -16.20 -28.19
CA LEU B 82 19.32 -16.10 -28.10
C LEU B 82 19.94 -17.49 -28.30
N TYR B 83 19.34 -18.54 -27.73
CA TYR B 83 19.77 -19.95 -27.85
C TYR B 83 19.66 -20.43 -29.30
N GLN B 84 18.65 -19.93 -30.03
CA GLN B 84 18.40 -20.27 -31.46
C GLN B 84 19.32 -19.44 -32.36
N GLY B 85 19.98 -18.42 -31.80
CA GLY B 85 21.00 -17.60 -32.48
C GLY B 85 20.40 -16.46 -33.29
N VAL B 86 19.11 -16.16 -33.06
CA VAL B 86 18.34 -15.10 -33.80
C VAL B 86 19.01 -13.75 -33.53
N PHE B 87 19.37 -13.47 -32.27
CA PHE B 87 20.10 -12.25 -31.84
C PHE B 87 21.48 -12.65 -31.30
N SER B 88 22.50 -11.84 -31.62
CA SER B 88 23.91 -11.99 -31.15
C SER B 88 24.22 -10.97 -30.05
N GLN B 89 23.40 -9.92 -29.92
CA GLN B 89 23.55 -8.86 -28.89
C GLN B 89 22.17 -8.29 -28.53
N VAL B 90 21.97 -7.96 -27.25
CA VAL B 90 20.72 -7.36 -26.70
C VAL B 90 21.07 -6.02 -26.04
N TYR B 91 20.31 -4.97 -26.33
CA TYR B 91 20.40 -3.64 -25.67
C TYR B 91 19.09 -3.38 -24.95
N TRP B 92 19.13 -3.30 -23.61
CA TRP B 92 17.94 -3.09 -22.75
C TRP B 92 17.85 -1.61 -22.36
N LEU B 93 16.82 -0.92 -22.84
CA LEU B 93 16.57 0.52 -22.58
C LEU B 93 15.53 0.65 -21.47
N ARG B 94 15.85 1.41 -20.42
CA ARG B 94 15.00 1.57 -19.21
C ARG B 94 15.06 3.03 -18.76
N GLN B 95 14.03 3.51 -18.04
CA GLN B 95 13.95 4.90 -17.52
C GLN B 95 15.13 5.13 -16.56
N LYS B 96 15.30 4.23 -15.59
CA LYS B 96 16.40 4.26 -14.58
C LYS B 96 16.81 2.83 -14.25
N HIS B 97 18.08 2.47 -14.52
CA HIS B 97 18.67 1.14 -14.26
C HIS B 97 19.16 1.05 -12.82
N ASP B 98 19.33 -0.17 -12.31
CA ASP B 98 20.03 -0.45 -11.03
C ASP B 98 21.45 0.05 -11.19
N PRO B 99 21.99 0.76 -10.18
CA PRO B 99 23.36 1.29 -10.25
C PRO B 99 24.44 0.21 -10.37
N LYS B 100 24.27 -0.91 -9.64
CA LYS B 100 25.23 -2.05 -9.64
C LYS B 100 25.43 -2.57 -11.05
N LEU B 101 24.33 -2.73 -11.81
CA LEU B 101 24.38 -3.31 -13.17
C LEU B 101 24.75 -2.19 -14.16
N ASN B 102 25.98 -2.19 -14.67
CA ASN B 102 26.36 -1.19 -15.70
C ASN B 102 27.44 -1.77 -16.60
N GLY B 103 27.42 -1.37 -17.87
CA GLY B 103 28.38 -1.81 -18.90
C GLY B 103 27.97 -3.14 -19.52
N GLN B 104 28.73 -3.60 -20.52
CA GLN B 104 28.46 -4.84 -21.26
C GLN B 104 28.56 -6.04 -20.32
N LYS B 105 27.86 -7.12 -20.68
CA LYS B 105 27.86 -8.40 -19.96
C LYS B 105 28.11 -9.51 -21.00
N GLN B 106 29.29 -10.11 -21.00
CA GLN B 106 29.63 -11.25 -21.90
C GLN B 106 29.05 -12.53 -21.30
N LEU B 107 28.03 -13.09 -21.97
CA LEU B 107 27.28 -14.30 -21.53
C LEU B 107 27.31 -15.36 -22.63
N ASN B 108 27.02 -16.61 -22.28
CA ASN B 108 26.80 -17.73 -23.23
C ASN B 108 25.63 -18.58 -22.72
N ILE B 109 24.84 -19.15 -23.63
CA ILE B 109 23.67 -20.01 -23.31
C ILE B 109 23.76 -21.31 -24.10
N TYR B 110 23.56 -22.44 -23.42
CA TYR B 110 23.52 -23.82 -24.00
C TYR B 110 22.39 -24.59 -23.31
N SER B 111 22.04 -25.77 -23.81
CA SER B 111 21.01 -26.61 -23.17
C SER B 111 21.67 -27.85 -22.54
N HIS B 112 21.02 -28.44 -21.54
CA HIS B 112 21.51 -29.65 -20.84
C HIS B 112 21.50 -30.82 -21.84
N GLN B 113 22.68 -31.34 -22.18
CA GLN B 113 22.92 -32.54 -23.03
C GLN B 113 22.46 -32.30 -24.48
N GLY B 114 22.37 -31.03 -24.91
CA GLY B 114 22.07 -30.64 -26.31
C GLY B 114 20.64 -30.92 -26.72
N GLU B 115 19.73 -31.12 -25.76
CA GLU B 115 18.30 -31.44 -26.03
C GLU B 115 17.50 -30.17 -26.32
N GLY B 116 18.06 -28.98 -26.00
CA GLY B 116 17.41 -27.68 -26.25
C GLY B 116 16.16 -27.49 -25.41
N LYS B 117 16.14 -28.05 -24.19
CA LYS B 117 14.96 -27.96 -23.28
C LYS B 117 15.32 -27.12 -22.06
N ARG B 118 16.32 -27.54 -21.28
CA ARG B 118 16.74 -26.81 -20.06
C ARG B 118 17.90 -25.89 -20.43
N LEU B 119 17.62 -24.60 -20.62
CA LEU B 119 18.67 -23.60 -20.96
C LEU B 119 19.53 -23.35 -19.72
N ILE B 120 20.83 -23.16 -19.93
CA ILE B 120 21.82 -22.87 -18.86
C ILE B 120 22.57 -21.61 -19.26
N LEU B 121 22.59 -20.60 -18.38
CA LEU B 121 23.27 -19.30 -18.61
C LEU B 121 24.61 -19.31 -17.86
N LYS B 122 25.68 -18.84 -18.51
CA LYS B 122 27.05 -18.76 -17.94
C LYS B 122 27.70 -17.44 -18.39
N SER B 123 28.61 -16.91 -17.57
CA SER B 123 29.41 -15.68 -17.84
C SER B 123 30.64 -16.04 -18.66
N LYS B 124 31.38 -17.08 -18.23
CA LYS B 124 32.59 -17.61 -18.91
C LYS B 124 32.19 -18.87 -19.68
N VAL B 125 32.61 -18.97 -20.95
CA VAL B 125 32.34 -20.14 -21.85
C VAL B 125 33.13 -21.34 -21.29
N ASP B 126 32.43 -22.44 -20.97
CA ASP B 126 33.03 -23.69 -20.45
C ASP B 126 33.94 -24.30 -21.53
N PHE B 127 35.00 -24.99 -21.11
CA PHE B 127 36.02 -25.62 -21.99
C PHE B 127 35.36 -26.68 -22.89
N ASN B 128 34.35 -27.39 -22.36
CA ASN B 128 33.58 -28.43 -23.08
C ASN B 128 32.70 -27.79 -24.16
N ASN B 129 32.26 -26.54 -23.94
CA ASN B 129 31.35 -25.79 -24.84
C ASN B 129 32.15 -24.99 -25.88
N LEU B 130 33.49 -25.14 -25.90
CA LEU B 130 34.37 -24.52 -26.92
C LEU B 130 34.18 -25.25 -28.25
N PHE B 131 33.64 -24.55 -29.25
CA PHE B 131 33.27 -25.07 -30.60
C PHE B 131 32.08 -26.04 -30.48
N ASN B 132 31.20 -25.80 -29.50
CA ASN B 132 29.93 -26.55 -29.32
C ASN B 132 28.82 -25.80 -30.08
N PRO B 133 28.16 -26.43 -31.07
CA PRO B 133 27.08 -25.78 -31.82
C PRO B 133 25.89 -25.38 -30.94
N ASP B 134 25.66 -26.14 -29.85
CA ASP B 134 24.55 -25.93 -28.87
C ASP B 134 24.78 -24.62 -28.13
N CYS B 135 26.04 -24.27 -27.85
CA CYS B 135 26.44 -23.07 -27.05
C CYS B 135 26.52 -21.84 -27.97
N LYS B 136 25.83 -20.75 -27.58
CA LYS B 136 25.80 -19.44 -28.29
C LYS B 136 26.39 -18.37 -27.36
N SER B 137 27.29 -17.52 -27.90
CA SER B 137 27.88 -16.36 -27.20
C SER B 137 27.13 -15.09 -27.61
N PHE B 138 26.89 -14.18 -26.65
CA PHE B 138 26.16 -12.90 -26.86
C PHE B 138 26.50 -11.92 -25.74
N THR B 139 26.02 -10.68 -25.87
CA THR B 139 26.22 -9.57 -24.90
C THR B 139 24.89 -8.85 -24.64
N ILE B 140 24.56 -8.65 -23.35
CA ILE B 140 23.40 -7.83 -22.89
C ILE B 140 23.94 -6.54 -22.27
N THR B 141 23.52 -5.37 -22.79
CA THR B 141 24.00 -4.02 -22.38
C THR B 141 22.83 -3.21 -21.80
N PRO B 142 22.98 -2.61 -20.59
CA PRO B 142 22.01 -1.64 -20.04
C PRO B 142 22.20 -0.22 -20.58
N LEU B 143 21.19 0.33 -21.28
CA LEU B 143 21.26 1.69 -21.88
C LEU B 143 20.17 2.58 -21.29
N ASN B 144 20.30 3.90 -21.53
CA ASN B 144 19.30 4.94 -21.17
C ASN B 144 19.06 5.79 -22.43
N ALA B 145 17.86 6.35 -22.57
CA ALA B 145 17.43 7.17 -23.74
C ALA B 145 18.19 8.50 -23.77
N GLN B 146 18.88 8.86 -22.68
CA GLN B 146 19.63 10.14 -22.53
C GLN B 146 21.15 9.87 -22.53
N ASP B 147 21.57 8.65 -22.91
CA ASP B 147 23.00 8.24 -22.96
C ASP B 147 23.63 8.75 -24.27
N ASP B 148 24.71 9.52 -24.16
CA ASP B 148 25.59 9.91 -25.30
C ASP B 148 26.41 8.67 -25.69
N LEU B 149 26.11 8.09 -26.86
CA LEU B 149 26.69 6.82 -27.35
C LEU B 149 27.91 7.12 -28.24
N SER B 150 29.05 6.51 -27.95
CA SER B 150 30.34 6.71 -28.66
C SER B 150 30.22 6.20 -30.10
N SER B 151 31.06 6.71 -31.00
CA SER B 151 31.07 6.39 -32.45
C SER B 151 31.33 4.89 -32.66
N GLU B 152 32.13 4.27 -31.79
CA GLU B 152 32.44 2.81 -31.82
C GLU B 152 31.23 2.03 -31.31
N GLU B 153 30.67 2.44 -30.16
CA GLU B 153 29.51 1.79 -29.50
C GLU B 153 28.26 1.91 -30.39
N SER B 154 28.08 3.07 -31.05
CA SER B 154 26.95 3.35 -31.96
C SER B 154 26.99 2.39 -33.16
N LYS B 155 28.17 2.20 -33.75
CA LYS B 155 28.43 1.26 -34.88
C LYS B 155 28.03 -0.17 -34.46
N LYS B 156 28.43 -0.58 -33.27
CA LYS B 156 28.22 -1.96 -32.74
C LYS B 156 26.71 -2.22 -32.58
N LEU B 157 25.97 -1.24 -32.05
CA LEU B 157 24.51 -1.37 -31.82
C LEU B 157 23.78 -1.44 -33.17
N ASN B 158 24.17 -0.63 -34.16
CA ASN B 158 23.36 -0.41 -35.39
C ASN B 158 23.61 -1.55 -36.40
N LYS B 159 23.29 -2.80 -36.05
CA LYS B 159 23.43 -3.96 -36.96
C LYS B 159 22.15 -4.79 -36.92
N SER B 160 21.36 -4.75 -38.01
CA SER B 160 20.08 -5.51 -38.15
C SER B 160 19.24 -5.32 -36.88
N VAL B 161 18.83 -4.08 -36.61
CA VAL B 161 18.16 -3.70 -35.33
C VAL B 161 16.68 -4.10 -35.38
N ILE B 162 16.22 -4.79 -34.34
CA ILE B 162 14.77 -5.03 -34.06
C ILE B 162 14.38 -4.13 -32.89
N LEU B 163 13.48 -3.16 -33.13
CA LEU B 163 12.97 -2.22 -32.10
C LEU B 163 11.78 -2.89 -31.38
N ASP B 164 12.07 -3.50 -30.22
CA ASP B 164 11.10 -4.26 -29.38
C ASP B 164 10.67 -3.36 -28.22
N ILE B 165 9.44 -2.82 -28.27
CA ILE B 165 8.97 -1.79 -27.30
C ILE B 165 7.78 -2.34 -26.50
N ASP B 166 7.91 -2.36 -25.18
CA ASP B 166 6.79 -2.59 -24.25
C ASP B 166 6.34 -1.23 -23.75
N ILE B 167 5.05 -0.91 -23.89
CA ILE B 167 4.43 0.39 -23.48
C ILE B 167 4.66 0.69 -21.99
N ASP B 168 4.85 -0.32 -21.13
CA ASP B 168 5.06 -0.11 -19.67
C ASP B 168 6.40 0.63 -19.42
N TYR B 169 7.27 0.71 -20.42
CA TYR B 169 8.54 1.49 -20.39
C TYR B 169 8.26 2.96 -20.05
N PHE B 170 7.17 3.51 -20.60
CA PHE B 170 6.80 4.95 -20.49
C PHE B 170 6.04 5.19 -19.18
N SER B 171 5.08 4.33 -18.85
CA SER B 171 4.28 4.37 -17.59
C SER B 171 3.94 2.95 -17.16
N CYS B 172 4.26 2.58 -15.91
CA CYS B 172 4.18 1.19 -15.41
C CYS B 172 3.35 1.10 -14.11
N ASP B 173 2.75 -0.07 -13.88
CA ASP B 173 2.01 -0.42 -12.63
C ASP B 173 2.38 -1.87 -12.26
N ASN B 174 3.49 -2.03 -11.52
CA ASN B 174 4.04 -3.35 -11.10
C ASN B 174 3.08 -4.06 -10.14
N VAL B 175 2.32 -3.30 -9.34
CA VAL B 175 1.36 -3.83 -8.33
C VAL B 175 0.24 -4.59 -9.06
N SER B 176 -0.38 -3.96 -10.07
CA SER B 176 -1.44 -4.56 -10.92
C SER B 176 -0.85 -5.70 -11.76
N GLY B 177 0.42 -5.55 -12.19
CA GLY B 177 1.11 -6.51 -13.08
C GLY B 177 1.50 -7.78 -12.36
N GLU B 178 2.13 -7.66 -11.18
CA GLU B 178 2.70 -8.82 -10.44
C GLU B 178 1.55 -9.67 -9.88
N TYR B 179 0.44 -9.05 -9.47
CA TYR B 179 -0.69 -9.72 -8.78
C TYR B 179 -1.27 -10.82 -9.68
N LEU B 180 -1.34 -12.04 -9.15
CA LEU B 180 -1.88 -13.25 -9.84
C LEU B 180 -2.92 -13.91 -8.94
N GLU B 181 -4.11 -14.17 -9.46
CA GLU B 181 -5.18 -14.89 -8.70
C GLU B 181 -5.88 -15.89 -9.63
N VAL B 182 -6.52 -16.89 -9.03
CA VAL B 182 -7.40 -17.87 -9.74
C VAL B 182 -8.62 -18.11 -8.85
N GLU B 183 -9.82 -18.14 -9.46
CA GLU B 183 -11.10 -18.43 -8.76
C GLU B 183 -11.12 -19.89 -8.36
N ILE B 184 -11.43 -20.18 -7.09
CA ILE B 184 -11.42 -21.57 -6.54
C ILE B 184 -12.81 -21.90 -5.98
N THR B 185 -13.04 -23.17 -5.66
CA THR B 185 -14.30 -23.66 -5.04
C THR B 185 -14.25 -23.34 -3.53
N GLU B 186 -15.42 -23.31 -2.89
CA GLU B 186 -15.56 -23.08 -1.42
C GLU B 186 -14.83 -24.19 -0.66
N GLU B 187 -14.92 -25.44 -1.16
CA GLU B 187 -14.29 -26.63 -0.55
C GLU B 187 -12.76 -26.43 -0.51
N ALA B 188 -12.18 -25.96 -1.62
CA ALA B 188 -10.73 -25.68 -1.75
C ALA B 188 -10.33 -24.55 -0.78
N TYR B 189 -11.12 -23.49 -0.74
CA TYR B 189 -10.92 -22.29 0.12
C TYR B 189 -10.90 -22.70 1.60
N TYR B 190 -11.90 -23.50 2.01
CA TYR B 190 -12.11 -23.98 3.40
C TYR B 190 -10.93 -24.85 3.83
N ASP B 191 -10.49 -25.77 2.97
CA ASP B 191 -9.41 -26.75 3.26
C ASP B 191 -8.10 -26.00 3.53
N TYR B 192 -7.82 -24.96 2.72
CA TYR B 192 -6.61 -24.11 2.82
C TYR B 192 -6.46 -23.56 4.25
N ILE B 193 -7.54 -23.00 4.80
CA ILE B 193 -7.54 -22.32 6.13
C ILE B 193 -7.54 -23.38 7.25
N ASN B 194 -8.43 -24.38 7.16
CA ASN B 194 -8.86 -25.23 8.31
C ASN B 194 -8.06 -26.53 8.36
N ASN B 195 -7.70 -27.12 7.22
CA ASN B 195 -6.88 -28.36 7.16
C ASN B 195 -5.44 -28.01 7.56
N LEU B 196 -4.94 -28.67 8.61
CA LEU B 196 -3.57 -28.45 9.16
C LEU B 196 -2.53 -28.71 8.07
N TYR B 197 -2.74 -29.75 7.26
CA TYR B 197 -1.74 -30.28 6.28
C TYR B 197 -2.21 -30.02 4.84
N ASN B 198 -2.94 -28.92 4.61
CA ASN B 198 -3.26 -28.42 3.25
C ASN B 198 -1.95 -28.05 2.57
N LYS B 199 -1.54 -28.83 1.55
CA LYS B 199 -0.21 -28.72 0.89
C LYS B 199 -0.01 -27.29 0.37
N LEU B 200 -1.06 -26.69 -0.20
CA LEU B 200 -0.99 -25.37 -0.88
C LEU B 200 -0.55 -24.27 0.10
N ARG B 201 -1.10 -24.27 1.32
CA ARG B 201 -0.79 -23.24 2.36
C ARG B 201 0.65 -23.42 2.83
N ILE B 202 1.08 -24.65 3.11
CA ILE B 202 2.38 -24.93 3.79
C ILE B 202 3.49 -25.17 2.76
N CYS B 203 3.19 -25.23 1.47
CA CYS B 203 4.23 -25.49 0.42
C CYS B 203 4.39 -24.28 -0.50
N TRP B 204 3.47 -23.32 -0.47
CA TRP B 204 3.56 -22.12 -1.35
C TRP B 204 3.63 -20.87 -0.47
N GLY B 205 4.78 -20.18 -0.49
CA GLY B 205 5.12 -19.08 0.43
C GLY B 205 4.92 -17.72 -0.22
N GLY B 206 5.81 -16.76 0.07
CA GLY B 206 5.68 -15.35 -0.33
C GLY B 206 4.43 -14.73 0.28
N ASN B 207 3.71 -13.91 -0.49
CA ASN B 207 2.50 -13.17 -0.05
C ASN B 207 1.23 -13.98 -0.33
N ALA B 208 1.39 -15.23 -0.81
CA ALA B 208 0.29 -16.10 -1.26
C ALA B 208 -0.78 -16.21 -0.16
N SER B 209 -2.05 -16.19 -0.57
CA SER B 209 -3.22 -16.20 0.36
C SER B 209 -4.47 -16.68 -0.38
N VAL B 210 -5.54 -16.99 0.35
CA VAL B 210 -6.90 -17.16 -0.22
C VAL B 210 -7.78 -16.03 0.32
N LYS B 211 -8.73 -15.55 -0.48
CA LYS B 211 -9.61 -14.41 -0.10
C LYS B 211 -11.05 -14.71 -0.54
N TYR B 212 -12.02 -14.04 0.08
CA TYR B 212 -13.46 -14.13 -0.26
C TYR B 212 -13.93 -12.76 -0.77
N MSE B 213 -14.59 -12.74 -1.92
CA MSE B 213 -15.17 -11.51 -2.46
C MSE B 213 -16.37 -11.84 -3.33
O MSE B 213 -16.29 -12.74 -4.17
CB MSE B 213 -14.11 -10.74 -3.25
CG MSE B 213 -14.52 -9.33 -3.60
SE MSE B 213 -12.97 -8.27 -4.17
CE MSE B 213 -11.63 -8.29 -2.75
N ASP B 214 -17.48 -11.11 -3.12
CA ASP B 214 -18.68 -11.20 -3.94
C ASP B 214 -19.20 -12.65 -3.98
N GLY B 215 -19.18 -13.36 -2.86
CA GLY B 215 -19.66 -14.75 -2.76
C GLY B 215 -18.79 -15.73 -3.56
N LYS B 216 -17.57 -15.32 -3.90
CA LYS B 216 -16.62 -16.14 -4.70
C LYS B 216 -15.31 -16.28 -3.91
N TYR B 217 -14.55 -17.33 -4.19
CA TYR B 217 -13.28 -17.66 -3.49
C TYR B 217 -12.13 -17.59 -4.51
N TYR B 218 -10.98 -17.06 -4.10
CA TYR B 218 -9.79 -16.88 -4.95
C TYR B 218 -8.54 -17.30 -4.18
N PHE B 219 -7.63 -18.00 -4.86
CA PHE B 219 -6.26 -18.24 -4.39
C PHE B 219 -5.37 -17.14 -4.96
N CYS B 220 -4.91 -16.22 -4.12
CA CYS B 220 -3.95 -15.15 -4.49
C CYS B 220 -2.55 -15.79 -4.55
N ILE B 221 -2.19 -16.31 -5.72
CA ILE B 221 -0.91 -17.01 -6.05
C ILE B 221 0.27 -16.07 -5.77
N ILE B 222 0.20 -14.84 -6.27
CA ILE B 222 1.26 -13.81 -6.07
C ILE B 222 0.59 -12.49 -5.70
N GLN B 223 0.98 -11.92 -4.56
CA GLN B 223 0.62 -10.53 -4.17
C GLN B 223 1.90 -9.72 -4.13
N PRO B 224 1.98 -8.57 -4.84
CA PRO B 224 3.15 -7.72 -4.78
C PRO B 224 3.34 -7.11 -3.37
N ASP B 225 4.59 -6.92 -2.96
CA ASP B 225 4.93 -6.24 -1.68
C ASP B 225 4.69 -4.75 -1.87
N LYS B 226 3.59 -4.23 -1.32
CA LYS B 226 3.08 -2.85 -1.58
C LYS B 226 3.94 -1.81 -0.84
N LEU B 227 4.68 -2.23 0.20
CA LEU B 227 5.56 -1.35 1.02
C LEU B 227 6.80 -0.93 0.20
N VAL B 228 7.37 -1.86 -0.57
CA VAL B 228 8.60 -1.64 -1.39
C VAL B 228 8.21 -1.28 -2.83
N ALA B 229 6.91 -1.19 -3.13
CA ALA B 229 6.36 -0.86 -4.47
C ALA B 229 6.63 0.62 -4.78
N GLU B 230 7.26 0.89 -5.93
CA GLU B 230 7.53 2.26 -6.44
C GLU B 230 6.29 2.74 -7.21
N ASN B 231 6.09 4.06 -7.26
CA ASN B 231 5.03 4.71 -8.10
C ASN B 231 5.64 5.02 -9.47
N LEU B 232 5.48 4.11 -10.43
CA LEU B 232 6.06 4.22 -11.80
C LEU B 232 5.02 4.75 -12.79
N LYS B 233 3.77 4.94 -12.35
CA LYS B 233 2.70 5.59 -13.15
C LYS B 233 2.97 7.09 -13.19
N VAL B 234 3.11 7.66 -14.40
CA VAL B 234 3.45 9.09 -14.64
C VAL B 234 2.35 9.72 -15.50
N SER B 235 2.32 11.07 -15.54
CA SER B 235 1.30 11.88 -16.25
C SER B 235 1.46 11.74 -17.77
N GLU B 236 0.47 12.20 -18.53
CA GLU B 236 0.44 12.16 -20.02
C GLU B 236 1.57 13.02 -20.58
N ASP B 237 1.90 14.13 -19.90
CA ASP B 237 3.01 15.05 -20.28
C ASP B 237 4.36 14.33 -20.11
N ALA B 238 4.54 13.63 -18.99
CA ALA B 238 5.76 12.83 -18.68
C ALA B 238 5.93 11.71 -19.70
N ILE B 239 4.84 11.07 -20.11
CA ILE B 239 4.82 10.01 -21.16
C ILE B 239 5.32 10.62 -22.48
N VAL B 240 4.73 11.74 -22.90
CA VAL B 240 5.07 12.48 -24.16
C VAL B 240 6.57 12.82 -24.14
N GLU B 241 7.04 13.41 -23.04
CA GLU B 241 8.48 13.73 -22.80
C GLU B 241 9.33 12.47 -23.05
N ARG B 242 8.90 11.34 -22.47
CA ARG B 242 9.63 10.05 -22.49
C ARG B 242 9.61 9.45 -23.90
N ILE B 243 8.51 9.61 -24.65
CA ILE B 243 8.38 9.13 -26.05
C ILE B 243 9.32 9.97 -26.93
N ASP B 244 9.31 11.30 -26.77
CA ASP B 244 10.19 12.24 -27.50
C ASP B 244 11.66 11.89 -27.25
N ALA B 245 12.02 11.50 -26.03
CA ALA B 245 13.39 11.11 -25.62
C ALA B 245 13.83 9.84 -26.37
N LEU B 246 12.90 8.92 -26.62
CA LEU B 246 13.16 7.67 -27.39
C LEU B 246 13.42 8.01 -28.86
N ILE B 247 12.62 8.93 -29.43
CA ILE B 247 12.76 9.42 -30.84
C ILE B 247 14.15 10.06 -31.00
N ASP B 248 14.60 10.83 -30.00
CA ASP B 248 15.90 11.54 -29.99
C ASP B 248 17.04 10.52 -29.94
N PHE B 249 16.91 9.48 -29.11
CA PHE B 249 17.88 8.36 -28.98
C PHE B 249 18.03 7.65 -30.33
N LEU B 250 16.91 7.44 -31.03
CA LEU B 250 16.86 6.77 -32.36
C LEU B 250 17.45 7.70 -33.43
N LYS B 251 17.09 8.99 -33.40
CA LYS B 251 17.60 10.03 -34.33
C LYS B 251 19.11 10.19 -34.18
N VAL B 252 19.58 10.42 -32.95
CA VAL B 252 21.02 10.69 -32.61
C VAL B 252 21.89 9.50 -33.05
N ASN B 253 21.43 8.27 -32.79
CA ASN B 253 22.16 7.01 -33.09
C ASN B 253 21.83 6.53 -34.51
N GLU B 254 20.97 7.27 -35.24
CA GLU B 254 20.58 6.99 -36.65
C GLU B 254 20.18 5.52 -36.79
N ILE B 255 19.27 5.06 -35.93
CA ILE B 255 18.77 3.65 -35.88
C ILE B 255 17.75 3.47 -37.01
N GLN B 256 17.96 2.49 -37.89
CA GLN B 256 17.01 2.11 -38.96
C GLN B 256 16.58 0.65 -38.73
N PRO B 257 15.47 0.41 -37.99
CA PRO B 257 15.03 -0.95 -37.70
C PRO B 257 14.60 -1.72 -38.95
N LYS B 258 14.94 -3.01 -39.01
CA LYS B 258 14.48 -3.97 -40.04
C LYS B 258 13.12 -4.57 -39.61
N LEU B 259 12.75 -4.38 -38.34
CA LEU B 259 11.46 -4.81 -37.74
C LEU B 259 11.18 -3.98 -36.49
N ILE B 260 9.95 -3.51 -36.34
CA ILE B 260 9.43 -2.83 -35.10
C ILE B 260 8.25 -3.65 -34.58
N ASP B 261 8.21 -3.90 -33.28
CA ASP B 261 7.07 -4.59 -32.60
C ASP B 261 6.76 -3.86 -31.29
N VAL B 262 5.46 -3.62 -31.03
CA VAL B 262 4.95 -2.88 -29.84
C VAL B 262 4.07 -3.82 -29.02
N CYS B 263 4.33 -3.90 -27.71
CA CYS B 263 3.59 -4.75 -26.72
C CYS B 263 2.80 -3.85 -25.77
N ARG B 264 1.48 -4.01 -25.73
CA ARG B 264 0.54 -3.18 -24.93
C ARG B 264 0.72 -3.47 -23.43
N SER B 265 0.74 -4.76 -23.04
CA SER B 265 0.87 -5.23 -21.65
C SER B 265 -0.22 -4.60 -20.77
N ARG B 266 -1.43 -4.46 -21.30
CA ARG B 266 -2.59 -3.84 -20.60
C ARG B 266 -3.52 -4.93 -20.05
N LEU B 267 -3.58 -6.09 -20.71
CA LEU B 267 -4.35 -7.28 -20.22
C LEU B 267 -3.62 -7.91 -19.03
N SER B 268 -2.29 -7.83 -18.99
CA SER B 268 -1.44 -8.28 -17.84
C SER B 268 -1.50 -7.24 -16.73
N GLY B 269 -1.72 -5.97 -17.07
CA GLY B 269 -1.99 -4.88 -16.11
C GLY B 269 -0.74 -4.10 -15.74
N TYR B 270 0.39 -4.36 -16.41
CA TYR B 270 1.70 -3.68 -16.17
C TYR B 270 1.62 -2.24 -16.69
N THR B 271 0.98 -2.04 -17.85
CA THR B 271 0.61 -0.71 -18.40
C THR B 271 -0.75 -0.31 -17.83
N PRO B 272 -0.87 0.86 -17.15
CA PRO B 272 -2.16 1.31 -16.63
C PRO B 272 -3.28 1.28 -17.69
N ASN B 273 -4.47 0.84 -17.30
CA ASN B 273 -5.63 0.58 -18.20
C ASN B 273 -6.20 1.90 -18.72
N ASP B 274 -5.95 3.03 -18.01
CA ASP B 274 -6.48 4.37 -18.36
C ASP B 274 -5.43 5.18 -19.13
N GLN B 275 -4.29 4.58 -19.49
CA GLN B 275 -3.17 5.26 -20.20
C GLN B 275 -2.80 4.53 -21.50
N TRP B 276 -2.94 3.20 -21.56
CA TRP B 276 -2.34 2.34 -22.61
C TRP B 276 -2.72 2.83 -24.01
N GLU B 277 -3.96 3.31 -24.19
CA GLU B 277 -4.47 3.85 -25.49
C GLU B 277 -3.70 5.13 -25.85
N PHE B 278 -3.50 6.03 -24.89
CA PHE B 278 -2.78 7.32 -25.06
C PHE B 278 -1.32 7.06 -25.45
N ILE B 279 -0.67 6.08 -24.79
CA ILE B 279 0.78 5.82 -24.96
C ILE B 279 1.02 5.20 -26.35
N GLU B 280 0.21 4.20 -26.74
CA GLU B 280 0.31 3.52 -28.05
C GLU B 280 0.06 4.52 -29.18
N ASN B 281 -1.04 5.27 -29.11
CA ASN B 281 -1.47 6.26 -30.14
C ASN B 281 -0.37 7.32 -30.31
N THR B 282 0.16 7.85 -29.20
CA THR B 282 1.20 8.91 -29.18
C THR B 282 2.51 8.35 -29.74
N LEU B 283 2.90 7.14 -29.33
CA LEU B 283 4.16 6.47 -29.76
C LEU B 283 4.16 6.29 -31.28
N VAL B 284 3.10 5.68 -31.82
CA VAL B 284 2.94 5.37 -33.28
C VAL B 284 3.05 6.68 -34.08
N GLU B 285 2.36 7.73 -33.63
CA GLU B 285 2.41 9.09 -34.23
C GLU B 285 3.86 9.58 -34.26
N LYS B 286 4.58 9.45 -33.13
CA LYS B 286 5.98 9.94 -32.96
C LYS B 286 6.95 9.07 -33.77
N LEU B 287 6.69 7.76 -33.86
CA LEU B 287 7.53 6.80 -34.64
C LEU B 287 7.34 7.06 -36.15
N SER B 288 6.13 7.43 -36.56
CA SER B 288 5.77 7.70 -37.99
C SER B 288 6.48 8.96 -38.51
N SER B 289 6.95 9.82 -37.60
CA SER B 289 7.65 11.10 -37.94
C SER B 289 9.07 10.82 -38.46
N ILE B 290 9.68 9.70 -38.08
CA ILE B 290 11.09 9.34 -38.43
C ILE B 290 11.16 8.04 -39.24
N TYR B 291 10.10 7.21 -39.24
CA TYR B 291 10.04 5.92 -39.96
C TYR B 291 8.76 5.84 -40.80
N GLU B 292 8.81 5.05 -41.89
CA GLU B 292 7.65 4.71 -42.76
C GLU B 292 7.24 3.26 -42.47
N PHE B 293 5.95 3.04 -42.19
CA PHE B 293 5.39 1.70 -41.82
C PHE B 293 3.86 1.76 -41.82
N GLU B 294 3.22 0.57 -41.84
CA GLU B 294 1.77 0.36 -41.64
C GLU B 294 1.58 -0.57 -40.44
N PRO B 295 1.08 -0.07 -39.28
CA PRO B 295 0.86 -0.93 -38.11
C PRO B 295 -0.17 -2.03 -38.38
N ILE B 296 0.22 -3.29 -38.11
CA ILE B 296 -0.63 -4.51 -38.29
C ILE B 296 -0.68 -5.26 -36.95
N PHE B 297 -1.89 -5.58 -36.48
CA PHE B 297 -2.12 -6.34 -35.21
C PHE B 297 -1.71 -7.80 -35.42
N VAL B 298 -1.20 -8.44 -34.35
CA VAL B 298 -0.53 -9.78 -34.40
C VAL B 298 -1.52 -10.85 -34.86
N SER B 299 -2.83 -10.64 -34.66
CA SER B 299 -3.93 -11.52 -35.14
C SER B 299 -3.74 -11.84 -36.63
N GLU B 300 -3.40 -10.82 -37.44
CA GLU B 300 -3.25 -10.93 -38.91
C GLU B 300 -2.22 -12.01 -39.27
N LEU B 301 -1.12 -12.10 -38.50
CA LEU B 301 -0.05 -13.12 -38.69
C LEU B 301 -0.59 -14.50 -38.30
N SER B 302 -1.33 -14.60 -37.18
CA SER B 302 -1.94 -15.86 -36.68
C SER B 302 -2.88 -16.45 -37.75
N LYS B 303 -3.75 -15.62 -38.32
CA LYS B 303 -4.77 -16.03 -39.34
C LYS B 303 -4.08 -16.67 -40.54
N LYS B 304 -2.98 -16.08 -41.02
CA LYS B 304 -2.18 -16.57 -42.18
C LYS B 304 -1.56 -17.93 -41.84
N VAL B 305 -1.17 -18.14 -40.57
CA VAL B 305 -0.53 -19.39 -40.07
C VAL B 305 -1.60 -20.47 -39.85
N LEU B 306 -2.70 -20.13 -39.19
CA LEU B 306 -3.78 -21.07 -38.80
C LEU B 306 -4.46 -21.63 -40.06
N VAL B 307 -4.62 -20.81 -41.11
CA VAL B 307 -5.18 -21.21 -42.43
C VAL B 307 -4.01 -21.68 -43.31
N LYS C 4 19.58 46.83 -6.28
CA LYS C 4 19.34 45.39 -5.95
C LYS C 4 17.87 45.20 -5.54
N ILE C 5 17.37 43.97 -5.66
CA ILE C 5 16.01 43.55 -5.22
C ILE C 5 16.14 42.69 -3.96
N PRO C 6 15.41 43.01 -2.87
CA PRO C 6 15.38 42.14 -1.68
C PRO C 6 14.99 40.69 -2.04
N PHE C 7 15.82 39.74 -1.61
CA PHE C 7 15.71 38.28 -1.91
C PHE C 7 16.01 37.48 -0.65
N TYR C 8 15.02 36.71 -0.15
CA TYR C 8 15.11 35.98 1.15
C TYR C 8 14.58 34.55 1.02
N ILE C 9 15.41 33.58 1.40
CA ILE C 9 15.12 32.11 1.35
C ILE C 9 14.75 31.64 2.75
N MSE C 10 13.71 30.80 2.83
CA MSE C 10 13.17 30.31 4.10
C MSE C 10 13.00 28.80 4.01
O MSE C 10 13.00 28.24 2.92
CB MSE C 10 11.80 30.94 4.35
CG MSE C 10 10.72 30.41 3.43
SE MSE C 10 9.14 31.57 3.38
CE MSE C 10 9.58 33.10 2.25
N GLU C 11 12.81 28.14 5.16
CA GLU C 11 12.59 26.70 5.20
C GLU C 11 11.11 26.40 4.95
N GLU C 12 10.21 27.04 5.72
CA GLU C 12 8.76 26.71 5.66
C GLU C 12 7.97 27.97 5.36
N HIS C 13 6.78 27.79 4.79
CA HIS C 13 6.03 28.88 4.11
C HIS C 13 5.46 29.89 5.12
N ASN C 14 5.27 29.50 6.39
CA ASN C 14 4.74 30.39 7.45
C ASN C 14 5.67 31.60 7.63
N GLU C 15 6.97 31.44 7.34
CA GLU C 15 8.02 32.47 7.53
C GLU C 15 7.81 33.67 6.59
N ALA C 16 7.11 33.48 5.47
CA ALA C 16 6.83 34.55 4.48
C ALA C 16 6.14 35.72 5.18
N PHE C 17 5.13 35.44 6.01
CA PHE C 17 4.39 36.45 6.81
C PHE C 17 5.37 37.38 7.53
N PHE C 18 6.40 36.79 8.15
CA PHE C 18 7.45 37.51 8.91
C PHE C 18 8.27 38.37 7.94
N ILE C 19 8.65 37.82 6.79
CA ILE C 19 9.53 38.48 5.77
C ILE C 19 8.77 39.67 5.16
N TRP C 20 7.45 39.55 4.95
CA TRP C 20 6.58 40.61 4.38
C TRP C 20 6.56 41.82 5.33
N HIS C 21 6.26 41.58 6.60
CA HIS C 21 6.14 42.62 7.67
C HIS C 21 7.50 43.30 7.91
N TYR C 22 8.61 42.55 7.74
CA TYR C 22 10.00 43.08 7.84
C TYR C 22 10.24 44.07 6.70
N ALA C 23 9.75 43.73 5.49
CA ALA C 23 9.87 44.56 4.28
C ALA C 23 9.06 45.85 4.43
N VAL C 24 7.88 45.77 5.06
CA VAL C 24 7.00 46.94 5.39
C VAL C 24 7.74 47.85 6.37
N ALA C 25 8.43 47.27 7.36
CA ALA C 25 9.19 47.99 8.41
C ALA C 25 10.41 48.69 7.81
N GLU C 26 11.10 48.03 6.87
CA GLU C 26 12.32 48.56 6.18
C GLU C 26 11.92 49.48 5.02
N GLY C 27 10.65 49.43 4.58
CA GLY C 27 10.11 50.27 3.50
C GLY C 27 10.56 49.78 2.12
N TRP C 28 10.96 48.52 2.01
CA TRP C 28 11.27 47.83 0.73
C TRP C 28 10.00 47.78 -0.12
N ILE C 29 8.86 47.63 0.54
CA ILE C 29 7.50 47.53 -0.08
C ILE C 29 6.57 48.49 0.66
N ASN C 30 5.43 48.81 0.05
CA ASN C 30 4.41 49.73 0.61
C ASN C 30 3.70 49.04 1.79
N LYS C 31 3.12 49.84 2.69
CA LYS C 31 2.29 49.40 3.84
C LYS C 31 1.10 48.59 3.33
N ASN C 32 0.51 48.99 2.20
CA ASN C 32 -0.74 48.39 1.67
C ASN C 32 -0.70 48.37 0.14
N GLN C 33 -1.71 47.74 -0.46
CA GLN C 33 -2.00 47.71 -1.93
C GLN C 33 -0.85 47.05 -2.70
N ASN C 34 -0.19 46.05 -2.11
CA ASN C 34 0.86 45.25 -2.80
C ASN C 34 0.18 44.10 -3.55
N THR C 35 0.88 43.50 -4.50
CA THR C 35 0.37 42.32 -5.25
C THR C 35 1.17 41.09 -4.84
N LEU C 36 0.49 40.06 -4.31
CA LEU C 36 1.12 38.76 -3.96
C LEU C 36 1.07 37.84 -5.18
N LEU C 37 2.19 37.71 -5.90
CA LEU C 37 2.36 36.71 -6.98
C LEU C 37 2.81 35.40 -6.32
N HIS C 38 1.84 34.58 -5.90
CA HIS C 38 2.01 33.34 -5.10
C HIS C 38 2.27 32.15 -6.05
N VAL C 39 3.53 31.77 -6.22
CA VAL C 39 3.95 30.66 -7.13
C VAL C 39 4.11 29.41 -6.27
N ASP C 40 3.11 28.53 -6.27
CA ASP C 40 3.06 27.35 -5.37
C ASP C 40 2.17 26.28 -5.98
N GLU C 41 2.39 25.02 -5.62
CA GLU C 41 1.50 23.89 -6.01
C GLU C 41 0.22 24.01 -5.18
N HIS C 42 0.31 24.56 -3.97
CA HIS C 42 -0.82 24.71 -3.01
C HIS C 42 -1.22 26.18 -2.89
N SER C 43 -2.53 26.46 -2.83
CA SER C 43 -3.08 27.83 -2.74
C SER C 43 -2.71 28.46 -1.39
N ASP C 44 -2.58 27.66 -0.34
CA ASP C 44 -2.28 28.12 1.04
C ASP C 44 -3.31 29.20 1.43
N LEU C 45 -4.58 28.93 1.12
CA LEU C 45 -5.73 29.83 1.44
C LEU C 45 -6.64 29.13 2.46
N VAL C 46 -6.05 28.69 3.58
CA VAL C 46 -6.77 28.22 4.79
C VAL C 46 -7.09 29.47 5.62
N VAL C 47 -8.32 29.61 6.10
CA VAL C 47 -8.73 30.73 7.00
C VAL C 47 -8.18 30.42 8.38
N PRO C 48 -7.19 31.19 8.88
CA PRO C 48 -6.55 30.91 10.16
C PRO C 48 -7.47 30.97 11.39
N ILE C 49 -7.25 30.08 12.35
CA ILE C 49 -7.85 30.10 13.71
C ILE C 49 -6.79 30.69 14.64
N LEU C 50 -7.07 31.81 15.30
CA LEU C 50 -6.02 32.59 16.00
C LEU C 50 -6.33 32.78 17.49
N ASN C 51 -5.29 33.02 18.27
CA ASN C 51 -5.35 33.35 19.71
C ASN C 51 -4.98 34.83 19.89
N SER C 52 -4.04 35.34 19.08
CA SER C 52 -3.58 36.74 19.12
C SER C 52 -4.43 37.60 18.18
N SER C 53 -4.58 38.89 18.49
CA SER C 53 -5.23 39.88 17.60
C SER C 53 -4.20 40.33 16.55
N LEU C 54 -4.57 40.26 15.27
CA LEU C 54 -3.69 40.64 14.13
C LEU C 54 -3.43 42.16 14.14
N LYS C 55 -4.31 42.94 14.78
CA LYS C 55 -4.11 44.40 15.00
C LYS C 55 -2.93 44.61 15.96
N SER C 56 -2.85 43.81 17.03
CA SER C 56 -1.79 43.86 18.07
C SER C 56 -0.46 43.34 17.52
N VAL C 57 -0.51 42.28 16.68
CA VAL C 57 0.67 41.60 16.09
C VAL C 57 1.48 42.60 15.24
N ASN C 58 0.80 43.54 14.58
CA ASN C 58 1.40 44.43 13.55
C ASN C 58 2.20 45.57 14.19
N GLU C 59 2.04 45.79 15.51
CA GLU C 59 2.60 46.97 16.24
C GLU C 59 4.13 47.01 16.10
N ASN C 60 4.82 45.89 16.36
CA ASN C 60 6.30 45.78 16.27
C ASN C 60 6.70 44.41 15.70
N ILE C 61 7.96 44.30 15.27
CA ILE C 61 8.50 43.16 14.45
C ILE C 61 8.73 41.93 15.33
N LYS C 62 9.06 42.11 16.62
CA LYS C 62 9.29 41.02 17.60
C LYS C 62 8.00 40.20 17.76
N ARG C 63 6.84 40.87 17.81
CA ARG C 63 5.51 40.23 17.95
C ARG C 63 5.20 39.39 16.69
N VAL C 64 5.51 39.94 15.51
CA VAL C 64 5.34 39.25 14.19
C VAL C 64 6.15 37.95 14.22
N HIS C 65 7.42 38.04 14.64
CA HIS C 65 8.37 36.89 14.74
C HIS C 65 7.81 35.83 15.70
N ASP C 66 7.30 36.24 16.86
CA ASP C 66 6.67 35.33 17.86
C ASP C 66 5.50 34.62 17.19
N PHE C 67 4.63 35.40 16.53
CA PHE C 67 3.35 34.94 15.90
C PHE C 67 3.64 33.99 14.74
N THR C 68 4.66 34.30 13.93
CA THR C 68 5.06 33.48 12.74
C THR C 68 5.39 32.06 13.18
N TYR C 69 6.11 31.91 14.30
CA TYR C 69 6.58 30.60 14.81
C TYR C 69 5.65 30.12 15.94
N SER C 70 4.44 30.66 16.04
CA SER C 70 3.46 30.21 17.06
C SER C 70 2.22 29.62 16.39
N GLU C 71 1.31 30.46 15.90
CA GLU C 71 -0.05 30.02 15.49
C GLU C 71 -0.15 29.98 13.96
N LEU C 72 0.94 30.17 13.24
CA LEU C 72 0.91 30.16 11.76
C LEU C 72 1.32 28.79 11.23
N THR C 73 0.48 28.22 10.36
CA THR C 73 0.72 26.98 9.59
C THR C 73 1.39 27.37 8.28
N ILE C 74 1.86 26.39 7.52
CA ILE C 74 2.48 26.61 6.17
C ILE C 74 1.38 26.81 5.12
N ALA C 75 0.10 26.78 5.53
CA ALA C 75 -1.06 26.86 4.61
C ALA C 75 -2.07 27.95 5.03
N ASN C 76 -1.83 28.76 6.07
CA ASN C 76 -2.85 29.72 6.56
C ASN C 76 -2.23 31.10 6.84
N PHE C 77 -1.18 31.49 6.14
CA PHE C 77 -0.40 32.72 6.46
C PHE C 77 -0.74 33.84 5.47
N ILE C 78 -1.47 33.55 4.39
CA ILE C 78 -1.80 34.55 3.32
C ILE C 78 -2.96 35.43 3.79
N TYR C 79 -4.05 34.84 4.26
CA TYR C 79 -5.31 35.54 4.65
C TYR C 79 -5.05 36.54 5.77
N PRO C 80 -4.20 36.24 6.78
CA PRO C 80 -3.81 37.23 7.79
C PRO C 80 -3.27 38.54 7.19
N ALA C 81 -2.41 38.44 6.17
CA ALA C 81 -1.77 39.58 5.47
C ALA C 81 -2.82 40.37 4.68
N LEU C 82 -3.84 39.68 4.14
CA LEU C 82 -4.97 40.29 3.40
C LEU C 82 -5.83 41.11 4.37
N TYR C 83 -6.10 40.56 5.56
CA TYR C 83 -6.90 41.19 6.64
C TYR C 83 -6.20 42.46 7.14
N GLN C 84 -4.86 42.44 7.21
CA GLN C 84 -4.02 43.59 7.64
C GLN C 84 -3.86 44.59 6.48
N GLY C 85 -4.28 44.20 5.28
CA GLY C 85 -4.35 45.07 4.09
C GLY C 85 -3.02 45.19 3.39
N VAL C 86 -2.08 44.29 3.65
CA VAL C 86 -0.72 44.28 3.04
C VAL C 86 -0.89 44.11 1.52
N PHE C 87 -1.69 43.12 1.10
CA PHE C 87 -2.03 42.81 -0.31
C PHE C 87 -3.48 43.21 -0.60
N SER C 88 -3.73 43.76 -1.79
CA SER C 88 -5.08 44.12 -2.31
C SER C 88 -5.55 43.08 -3.33
N GLN C 89 -4.63 42.22 -3.81
CA GLN C 89 -4.94 41.15 -4.80
C GLN C 89 -3.86 40.05 -4.72
N VAL C 90 -4.26 38.80 -4.95
CA VAL C 90 -3.38 37.60 -4.94
C VAL C 90 -3.50 36.88 -6.29
N TYR C 91 -2.37 36.56 -6.93
CA TYR C 91 -2.30 35.74 -8.18
C TYR C 91 -1.62 34.40 -7.86
N TRP C 92 -2.41 33.33 -7.80
CA TRP C 92 -1.95 31.94 -7.54
C TRP C 92 -1.49 31.29 -8.84
N LEU C 93 -0.19 31.09 -9.01
CA LEU C 93 0.44 30.47 -10.21
C LEU C 93 0.70 28.98 -9.93
N ARG C 94 0.07 28.11 -10.70
CA ARG C 94 0.11 26.62 -10.54
C ARG C 94 0.36 25.99 -11.92
N GLN C 95 0.99 24.80 -11.95
CA GLN C 95 1.33 24.08 -13.20
C GLN C 95 0.04 23.76 -13.97
N LYS C 96 -0.97 23.25 -13.27
CA LYS C 96 -2.32 22.93 -13.85
C LYS C 96 -3.39 23.18 -12.78
N HIS C 97 -4.32 24.10 -13.06
CA HIS C 97 -5.47 24.44 -12.18
C HIS C 97 -6.65 23.51 -12.50
N ASP C 98 -7.52 23.27 -11.51
CA ASP C 98 -8.81 22.55 -11.67
C ASP C 98 -9.68 23.36 -12.63
N PRO C 99 -10.11 22.80 -13.78
CA PRO C 99 -10.99 23.51 -14.71
C PRO C 99 -12.23 24.13 -14.04
N LYS C 100 -12.74 23.49 -12.98
CA LYS C 100 -13.88 23.97 -12.16
C LYS C 100 -13.57 25.37 -11.63
N LEU C 101 -12.40 25.55 -11.02
CA LEU C 101 -11.92 26.86 -10.49
C LEU C 101 -11.38 27.70 -11.65
N ASN C 102 -12.22 28.58 -12.20
CA ASN C 102 -11.91 29.42 -13.39
C ASN C 102 -12.27 30.88 -13.09
N GLY C 103 -11.37 31.81 -13.44
CA GLY C 103 -11.63 33.26 -13.45
C GLY C 103 -11.28 33.92 -12.12
N GLN C 104 -11.27 35.26 -12.13
CA GLN C 104 -11.00 36.13 -10.95
C GLN C 104 -12.17 36.03 -9.97
N LYS C 105 -11.87 35.96 -8.66
CA LYS C 105 -12.87 35.89 -7.57
C LYS C 105 -12.72 37.11 -6.66
N GLN C 106 -13.73 37.97 -6.61
CA GLN C 106 -13.81 39.15 -5.70
C GLN C 106 -14.31 38.68 -4.33
N LEU C 107 -13.48 38.79 -3.29
CA LEU C 107 -13.80 38.34 -1.90
C LEU C 107 -13.58 39.51 -0.93
N ASN C 108 -14.08 39.36 0.30
CA ASN C 108 -13.86 40.31 1.42
C ASN C 108 -13.61 39.50 2.71
N ILE C 109 -12.75 40.03 3.58
CA ILE C 109 -12.37 39.39 4.88
C ILE C 109 -12.50 40.42 6.01
N TYR C 110 -13.15 40.05 7.11
CA TYR C 110 -13.34 40.87 8.33
C TYR C 110 -13.32 39.97 9.56
N SER C 111 -12.98 40.54 10.72
CA SER C 111 -12.86 39.85 12.03
C SER C 111 -14.18 39.95 12.80
N HIS C 112 -14.34 39.14 13.84
CA HIS C 112 -15.52 39.10 14.73
C HIS C 112 -15.47 40.28 15.70
N GLN C 113 -16.34 41.27 15.51
CA GLN C 113 -16.50 42.45 16.41
C GLN C 113 -15.28 43.36 16.29
N GLY C 114 -14.47 43.20 15.24
CA GLY C 114 -13.27 44.02 14.98
C GLY C 114 -12.09 43.61 15.85
N GLU C 115 -12.19 42.49 16.57
CA GLU C 115 -11.17 42.04 17.56
C GLU C 115 -9.90 41.59 16.82
N GLY C 116 -10.00 41.20 15.54
CA GLY C 116 -8.85 40.72 14.74
C GLY C 116 -8.38 39.36 15.22
N LYS C 117 -9.33 38.53 15.67
CA LYS C 117 -9.07 37.15 16.17
C LYS C 117 -9.73 36.14 15.24
N ARG C 118 -11.05 36.24 15.05
CA ARG C 118 -11.82 35.32 14.17
C ARG C 118 -11.97 35.94 12.79
N LEU C 119 -11.49 35.27 11.75
CA LEU C 119 -11.59 35.77 10.35
C LEU C 119 -12.82 35.16 9.68
N ILE C 120 -13.59 35.99 8.98
CA ILE C 120 -14.82 35.59 8.25
C ILE C 120 -14.63 35.96 6.78
N LEU C 121 -14.73 34.98 5.87
CA LEU C 121 -14.48 35.14 4.42
C LEU C 121 -15.83 35.10 3.68
N LYS C 122 -16.11 36.13 2.87
CA LYS C 122 -17.39 36.29 2.11
C LYS C 122 -17.08 36.64 0.66
N SER C 123 -18.02 36.33 -0.24
CA SER C 123 -17.92 36.53 -1.71
C SER C 123 -18.50 37.89 -2.11
N LYS C 124 -19.51 38.38 -1.38
CA LYS C 124 -20.09 39.74 -1.56
C LYS C 124 -20.14 40.45 -0.22
N VAL C 125 -19.85 41.75 -0.21
CA VAL C 125 -19.70 42.57 1.03
C VAL C 125 -21.10 42.84 1.60
N ASP C 126 -21.20 42.87 2.94
CA ASP C 126 -22.46 43.20 3.68
C ASP C 126 -22.50 44.72 3.87
N PHE C 127 -23.71 45.27 4.03
CA PHE C 127 -23.97 46.72 4.29
C PHE C 127 -23.29 47.14 5.61
N ASN C 128 -23.26 46.23 6.59
CA ASN C 128 -22.63 46.43 7.92
C ASN C 128 -21.16 46.81 7.72
N ASN C 129 -20.48 46.11 6.82
CA ASN C 129 -19.03 46.27 6.53
C ASN C 129 -18.82 47.21 5.34
N LEU C 130 -19.87 47.85 4.83
CA LEU C 130 -19.80 48.55 3.51
C LEU C 130 -18.71 49.63 3.55
N PHE C 131 -18.58 50.39 4.63
CA PHE C 131 -17.49 51.39 4.75
C PHE C 131 -16.61 51.07 5.97
N ASN C 132 -16.74 49.84 6.49
CA ASN C 132 -16.04 49.36 7.70
C ASN C 132 -14.57 49.13 7.39
N PRO C 133 -13.63 49.71 8.18
CA PRO C 133 -12.20 49.54 7.95
C PRO C 133 -11.69 48.15 8.37
N ASP C 134 -12.42 47.48 9.27
CA ASP C 134 -12.18 46.08 9.69
C ASP C 134 -12.29 45.16 8.49
N CYS C 135 -13.20 45.46 7.56
CA CYS C 135 -13.45 44.67 6.31
C CYS C 135 -12.51 45.14 5.20
N LYS C 136 -11.81 44.19 4.56
CA LYS C 136 -10.85 44.42 3.45
C LYS C 136 -11.36 43.69 2.20
N SER C 137 -11.44 44.40 1.07
CA SER C 137 -11.82 43.87 -0.26
C SER C 137 -10.56 43.51 -1.05
N PHE C 138 -10.55 42.35 -1.71
CA PHE C 138 -9.41 41.84 -2.53
C PHE C 138 -9.93 40.87 -3.60
N THR C 139 -9.08 40.53 -4.56
CA THR C 139 -9.34 39.55 -5.65
C THR C 139 -8.25 38.47 -5.63
N ILE C 140 -8.65 37.20 -5.78
CA ILE C 140 -7.74 36.03 -5.94
C ILE C 140 -7.95 35.44 -7.34
N THR C 141 -6.91 35.49 -8.19
CA THR C 141 -6.95 35.04 -9.60
C THR C 141 -6.02 33.84 -9.78
N PRO C 142 -6.55 32.65 -10.16
CA PRO C 142 -5.70 31.52 -10.52
C PRO C 142 -5.10 31.72 -11.91
N LEU C 143 -3.77 31.57 -12.05
CA LEU C 143 -3.04 31.83 -13.31
C LEU C 143 -2.15 30.64 -13.67
N ASN C 144 -1.80 30.54 -14.96
CA ASN C 144 -0.85 29.55 -15.53
C ASN C 144 0.31 30.34 -16.17
N ALA C 145 1.49 29.73 -16.27
CA ALA C 145 2.70 30.34 -16.86
C ALA C 145 2.49 30.55 -18.37
N GLN C 146 1.70 29.69 -19.01
CA GLN C 146 1.42 29.72 -20.47
C GLN C 146 0.20 30.61 -20.76
N ASP C 147 -0.61 30.94 -19.75
CA ASP C 147 -1.89 31.69 -19.91
C ASP C 147 -1.62 33.03 -20.60
N ASP C 148 -2.44 33.35 -21.61
CA ASP C 148 -2.40 34.63 -22.38
C ASP C 148 -3.18 35.70 -21.62
N LEU C 149 -2.49 36.72 -21.11
CA LEU C 149 -3.10 37.86 -20.37
C LEU C 149 -3.42 38.99 -21.35
N SER C 150 -4.42 39.81 -21.02
CA SER C 150 -4.75 41.10 -21.70
C SER C 150 -3.83 42.20 -21.15
N SER C 151 -3.77 43.34 -21.85
CA SER C 151 -3.08 44.58 -21.41
C SER C 151 -3.61 45.01 -20.04
N GLU C 152 -4.95 45.07 -19.91
CA GLU C 152 -5.67 45.44 -18.66
C GLU C 152 -5.33 44.43 -17.56
N GLU C 153 -5.34 43.13 -17.88
CA GLU C 153 -5.05 42.03 -16.93
C GLU C 153 -3.58 42.06 -16.52
N SER C 154 -2.68 42.35 -17.46
CA SER C 154 -1.21 42.44 -17.26
C SER C 154 -0.88 43.69 -16.41
N LYS C 155 -1.45 44.83 -16.78
CA LYS C 155 -1.26 46.13 -16.07
C LYS C 155 -1.74 45.99 -14.62
N LYS C 156 -2.90 45.35 -14.42
CA LYS C 156 -3.52 45.13 -13.08
C LYS C 156 -2.59 44.25 -12.22
N LEU C 157 -2.07 43.16 -12.79
CA LEU C 157 -1.18 42.20 -12.08
C LEU C 157 0.16 42.87 -11.76
N ASN C 158 0.69 43.72 -12.63
CA ASN C 158 2.09 44.23 -12.51
C ASN C 158 2.14 45.50 -11.66
N LYS C 159 1.80 45.41 -10.37
CA LYS C 159 1.74 46.59 -9.48
C LYS C 159 2.22 46.19 -8.08
N SER C 160 3.39 46.70 -7.65
CA SER C 160 3.97 46.44 -6.30
C SER C 160 4.03 44.92 -6.06
N VAL C 161 4.64 44.18 -6.98
CA VAL C 161 4.56 42.69 -7.01
C VAL C 161 5.58 42.11 -6.02
N ILE C 162 5.12 41.23 -5.12
CA ILE C 162 5.98 40.36 -4.27
C ILE C 162 5.98 38.97 -4.89
N LEU C 163 7.11 38.56 -5.49
CA LEU C 163 7.29 37.24 -6.13
C LEU C 163 7.49 36.20 -5.03
N ASP C 164 6.39 35.58 -4.59
CA ASP C 164 6.33 34.60 -3.49
C ASP C 164 6.39 33.19 -4.08
N ILE C 165 7.55 32.53 -4.03
CA ILE C 165 7.78 31.22 -4.70
C ILE C 165 7.93 30.11 -3.66
N ASP C 166 7.21 29.02 -3.87
CA ASP C 166 7.44 27.71 -3.20
C ASP C 166 8.01 26.80 -4.28
N ILE C 167 9.08 26.05 -3.99
CA ILE C 167 9.81 25.28 -5.04
C ILE C 167 9.08 23.96 -5.34
N ASP C 168 8.01 23.62 -4.60
CA ASP C 168 7.17 22.42 -4.88
C ASP C 168 6.27 22.70 -6.08
N TYR C 169 6.19 23.97 -6.52
CA TYR C 169 5.55 24.41 -7.79
C TYR C 169 6.18 23.65 -8.97
N PHE C 170 7.49 23.40 -8.90
CA PHE C 170 8.31 22.77 -9.97
C PHE C 170 8.18 21.24 -9.87
N SER C 171 8.34 20.67 -8.67
CA SER C 171 8.25 19.22 -8.39
C SER C 171 7.70 18.99 -6.97
N CYS C 172 6.56 18.31 -6.85
CA CYS C 172 5.80 18.14 -5.57
C CYS C 172 5.69 16.67 -5.19
N ASP C 173 5.67 16.39 -3.87
CA ASP C 173 5.51 15.05 -3.26
C ASP C 173 4.46 15.15 -2.15
N ASN C 174 3.17 15.07 -2.52
CA ASN C 174 2.03 15.25 -1.60
C ASN C 174 2.01 14.15 -0.53
N VAL C 175 2.47 12.94 -0.85
CA VAL C 175 2.47 11.78 0.08
C VAL C 175 3.46 12.05 1.22
N SER C 176 4.67 12.53 0.94
CA SER C 176 5.68 12.83 1.99
C SER C 176 5.27 14.08 2.78
N GLY C 177 4.73 15.09 2.09
CA GLY C 177 4.29 16.37 2.67
C GLY C 177 3.12 16.22 3.60
N GLU C 178 2.14 15.36 3.28
CA GLU C 178 0.87 15.25 4.04
C GLU C 178 1.05 14.29 5.21
N TYR C 179 2.10 13.45 5.22
CA TYR C 179 2.36 12.46 6.30
C TYR C 179 2.63 13.17 7.63
N LEU C 180 1.93 12.77 8.69
CA LEU C 180 2.06 13.36 10.05
C LEU C 180 2.17 12.24 11.09
N GLU C 181 3.13 12.36 12.01
CA GLU C 181 3.28 11.43 13.16
C GLU C 181 3.77 12.20 14.38
N VAL C 182 3.46 11.70 15.58
CA VAL C 182 3.91 12.25 16.88
C VAL C 182 4.34 11.06 17.76
N GLU C 183 5.46 11.20 18.47
CA GLU C 183 5.98 10.17 19.41
C GLU C 183 5.02 10.10 20.62
N ILE C 184 4.48 8.91 20.90
CA ILE C 184 3.51 8.67 21.99
C ILE C 184 4.12 7.69 23.01
N THR C 185 3.51 7.59 24.20
CA THR C 185 3.96 6.72 25.32
C THR C 185 3.45 5.29 25.07
N GLU C 186 4.08 4.31 25.73
CA GLU C 186 3.71 2.87 25.66
C GLU C 186 2.25 2.69 26.11
N GLU C 187 1.80 3.51 27.08
CA GLU C 187 0.44 3.45 27.67
C GLU C 187 -0.60 3.84 26.62
N ALA C 188 -0.35 4.90 25.84
CA ALA C 188 -1.23 5.42 24.79
C ALA C 188 -1.34 4.40 23.64
N TYR C 189 -0.20 3.81 23.26
CA TYR C 189 -0.08 2.80 22.17
C TYR C 189 -0.97 1.59 22.46
N TYR C 190 -0.83 1.00 23.66
CA TYR C 190 -1.51 -0.26 24.06
C TYR C 190 -3.00 0.00 24.34
N ASP C 191 -3.37 1.20 24.80
CA ASP C 191 -4.78 1.59 25.03
C ASP C 191 -5.50 1.69 23.68
N TYR C 192 -4.83 2.23 22.66
CA TYR C 192 -5.35 2.38 21.27
C TYR C 192 -5.69 1.00 20.69
N ILE C 193 -4.86 -0.01 20.98
CA ILE C 193 -4.97 -1.38 20.40
C ILE C 193 -6.00 -2.19 21.20
N ASN C 194 -5.97 -2.12 22.54
CA ASN C 194 -6.71 -3.03 23.46
C ASN C 194 -8.11 -2.50 23.77
N ASN C 195 -8.24 -1.18 23.99
CA ASN C 195 -9.52 -0.53 24.40
C ASN C 195 -10.41 -0.34 23.17
N LEU C 196 -11.59 -0.97 23.17
CA LEU C 196 -12.61 -0.87 22.09
C LEU C 196 -12.99 0.60 21.88
N TYR C 197 -13.22 1.33 22.98
CA TYR C 197 -13.81 2.68 22.98
C TYR C 197 -12.73 3.76 23.13
N ASN C 198 -11.47 3.43 22.81
CA ASN C 198 -10.38 4.44 22.73
C ASN C 198 -10.86 5.53 21.77
N LYS C 199 -10.96 6.77 22.23
CA LYS C 199 -11.55 7.90 21.48
C LYS C 199 -10.78 8.10 20.17
N LEU C 200 -9.45 8.06 20.22
CA LEU C 200 -8.57 8.28 19.05
C LEU C 200 -8.93 7.29 17.94
N ARG C 201 -9.11 6.02 18.32
CA ARG C 201 -9.40 4.88 17.42
C ARG C 201 -10.80 5.04 16.80
N ILE C 202 -11.81 5.36 17.61
CA ILE C 202 -13.23 5.39 17.15
C ILE C 202 -13.61 6.77 16.58
N CYS C 203 -12.74 7.77 16.67
CA CYS C 203 -13.05 9.12 16.12
C CYS C 203 -12.14 9.43 14.93
N TRP C 204 -11.04 8.69 14.74
CA TRP C 204 -10.13 8.86 13.58
C TRP C 204 -10.15 7.65 12.66
N GLY C 205 -10.14 6.42 13.22
CA GLY C 205 -10.40 5.18 12.46
C GLY C 205 -9.23 4.73 11.60
N GLY C 206 -9.47 4.55 10.29
CA GLY C 206 -8.57 3.85 9.34
C GLY C 206 -7.45 4.71 8.77
N ASN C 207 -7.67 6.02 8.59
CA ASN C 207 -6.64 6.93 8.04
C ASN C 207 -5.46 7.00 9.04
N ALA C 208 -5.75 7.15 10.33
CA ALA C 208 -4.72 7.23 11.41
C ALA C 208 -4.39 5.82 11.92
N SER C 209 -3.21 5.64 12.51
CA SER C 209 -2.80 4.35 13.12
C SER C 209 -1.64 4.57 14.10
N VAL C 210 -1.43 3.59 14.98
CA VAL C 210 -0.26 3.56 15.91
C VAL C 210 0.77 2.59 15.32
N LYS C 211 2.04 2.78 15.66
CA LYS C 211 3.15 1.90 15.18
C LYS C 211 4.31 1.94 16.20
N TYR C 212 5.19 0.95 16.11
CA TYR C 212 6.45 0.86 16.89
C TYR C 212 7.61 0.99 15.91
N MSE C 213 8.60 1.82 16.24
CA MSE C 213 9.76 1.99 15.38
C MSE C 213 11.00 2.18 16.23
O MSE C 213 11.20 3.22 16.83
CB MSE C 213 9.55 3.17 14.41
CG MSE C 213 10.69 3.36 13.44
SE MSE C 213 10.21 4.62 12.01
CE MSE C 213 9.87 6.37 12.83
N ASP C 214 11.84 1.12 16.26
CA ASP C 214 13.17 1.16 16.83
C ASP C 214 13.12 1.66 18.29
N GLY C 215 12.21 1.09 19.08
CA GLY C 215 12.16 1.29 20.55
C GLY C 215 11.22 2.42 20.98
N LYS C 216 10.49 3.02 20.03
CA LYS C 216 9.57 4.15 20.30
C LYS C 216 8.21 3.87 19.67
N TYR C 217 7.16 4.48 20.21
CA TYR C 217 5.75 4.34 19.75
C TYR C 217 5.32 5.65 19.08
N TYR C 218 4.56 5.55 17.99
CA TYR C 218 4.08 6.72 17.21
C TYR C 218 2.59 6.58 16.91
N PHE C 219 1.90 7.73 16.87
CA PHE C 219 0.55 7.88 16.29
C PHE C 219 0.73 8.57 14.92
N CYS C 220 0.39 7.87 13.85
CA CYS C 220 0.48 8.41 12.47
C CYS C 220 -0.87 9.05 12.13
N ILE C 221 -0.95 10.37 12.24
CA ILE C 221 -2.21 11.18 12.10
C ILE C 221 -2.69 11.08 10.65
N ILE C 222 -1.93 11.61 9.71
CA ILE C 222 -2.27 11.52 8.26
C ILE C 222 -1.36 10.47 7.62
N GLN C 223 -1.96 9.51 6.92
CA GLN C 223 -1.25 8.45 6.16
C GLN C 223 -1.68 8.53 4.70
N PRO C 224 -1.05 9.37 3.85
CA PRO C 224 -1.45 9.48 2.44
C PRO C 224 -1.44 8.15 1.67
N VAL C 228 -1.78 5.65 -5.01
CA VAL C 228 -3.15 6.04 -5.46
C VAL C 228 -3.20 7.54 -5.77
N ALA C 229 -2.29 8.34 -5.17
CA ALA C 229 -2.14 9.79 -5.42
C ALA C 229 -1.44 10.02 -6.76
N GLU C 230 -1.81 11.07 -7.48
CA GLU C 230 -1.21 11.45 -8.79
C GLU C 230 0.25 11.87 -8.54
N ASN C 231 1.18 11.38 -9.35
CA ASN C 231 2.64 11.64 -9.18
C ASN C 231 2.97 13.04 -9.71
N LEU C 232 3.43 13.94 -8.84
CA LEU C 232 3.78 15.34 -9.21
C LEU C 232 5.30 15.53 -9.17
N LYS C 233 6.07 14.48 -8.87
CA LYS C 233 7.55 14.50 -8.99
C LYS C 233 7.88 14.34 -10.48
N VAL C 234 8.69 15.24 -11.03
CA VAL C 234 8.99 15.28 -12.49
C VAL C 234 10.50 15.23 -12.69
N SER C 235 10.95 15.02 -13.94
CA SER C 235 12.37 14.90 -14.34
C SER C 235 13.06 16.26 -14.19
N GLU C 236 14.40 16.25 -14.12
CA GLU C 236 15.25 17.47 -14.01
C GLU C 236 15.08 18.32 -15.27
N ASP C 237 14.87 17.69 -16.44
CA ASP C 237 14.64 18.37 -17.74
C ASP C 237 13.32 19.14 -17.68
N ALA C 238 12.30 18.60 -17.00
CA ALA C 238 10.98 19.23 -16.81
C ALA C 238 11.10 20.40 -15.83
N ILE C 239 11.85 20.21 -14.74
CA ILE C 239 12.10 21.25 -13.69
C ILE C 239 12.70 22.49 -14.36
N VAL C 240 13.77 22.32 -15.16
CA VAL C 240 14.50 23.40 -15.88
C VAL C 240 13.52 24.10 -16.83
N GLU C 241 12.74 23.32 -17.60
CA GLU C 241 11.74 23.82 -18.57
C GLU C 241 10.66 24.63 -17.84
N ARG C 242 10.28 24.19 -16.63
CA ARG C 242 9.22 24.83 -15.79
C ARG C 242 9.75 26.14 -15.20
N ILE C 243 11.02 26.18 -14.79
CA ILE C 243 11.70 27.41 -14.28
C ILE C 243 11.82 28.42 -15.42
N ASP C 244 12.15 27.95 -16.63
CA ASP C 244 12.24 28.78 -17.87
C ASP C 244 10.87 29.41 -18.16
N ALA C 245 9.78 28.64 -18.02
CA ALA C 245 8.39 29.07 -18.31
C ALA C 245 7.98 30.20 -17.35
N LEU C 246 8.45 30.15 -16.10
CA LEU C 246 8.22 31.20 -15.08
C LEU C 246 8.97 32.48 -15.48
N ILE C 247 10.22 32.33 -15.93
CA ILE C 247 11.10 33.46 -16.36
C ILE C 247 10.44 34.16 -17.57
N ASP C 248 9.88 33.38 -18.50
CA ASP C 248 9.16 33.90 -19.70
C ASP C 248 7.92 34.69 -19.24
N PHE C 249 7.15 34.15 -18.30
CA PHE C 249 5.94 34.77 -17.71
C PHE C 249 6.31 36.13 -17.08
N LEU C 250 7.39 36.16 -16.30
CA LEU C 250 7.88 37.38 -15.60
C LEU C 250 8.38 38.40 -16.63
N LYS C 251 8.98 37.93 -17.73
CA LYS C 251 9.54 38.79 -18.81
C LYS C 251 8.40 39.38 -19.65
N VAL C 252 7.47 38.54 -20.10
CA VAL C 252 6.33 38.92 -20.99
C VAL C 252 5.48 40.00 -20.32
N ASN C 253 5.31 39.95 -19.00
CA ASN C 253 4.48 40.89 -18.20
C ASN C 253 5.36 41.99 -17.60
N GLU C 254 6.66 42.01 -17.92
CA GLU C 254 7.64 43.03 -17.47
C GLU C 254 7.57 43.19 -15.95
N ILE C 255 7.55 42.07 -15.22
CA ILE C 255 7.43 42.02 -13.73
C ILE C 255 8.80 42.36 -13.13
N GLN C 256 8.86 43.40 -12.30
CA GLN C 256 10.04 43.80 -11.50
C GLN C 256 9.64 43.85 -10.03
N PRO C 257 9.79 42.74 -9.27
CA PRO C 257 9.33 42.69 -7.88
C PRO C 257 10.07 43.66 -6.94
N LYS C 258 9.37 44.15 -5.92
CA LYS C 258 9.93 44.99 -4.82
C LYS C 258 10.50 44.07 -3.73
N LEU C 259 10.08 42.80 -3.72
CA LEU C 259 10.58 41.75 -2.78
C LEU C 259 10.41 40.37 -3.44
N ILE C 260 11.45 39.54 -3.41
CA ILE C 260 11.40 38.11 -3.83
C ILE C 260 11.63 37.25 -2.58
N ASP C 261 10.82 36.20 -2.41
CA ASP C 261 10.97 35.21 -1.30
C ASP C 261 10.80 33.80 -1.90
N VAL C 262 11.62 32.85 -1.43
CA VAL C 262 11.67 31.45 -1.94
C VAL C 262 11.50 30.49 -0.76
N CYS C 263 10.53 29.56 -0.86
CA CYS C 263 10.24 28.53 0.17
C CYS C 263 10.73 27.16 -0.33
N ARG C 264 11.51 26.46 0.50
CA ARG C 264 12.15 25.17 0.16
C ARG C 264 11.14 24.02 0.27
N SER C 265 10.38 23.97 1.37
CA SER C 265 9.38 22.93 1.67
C SER C 265 10.02 21.53 1.66
N ARG C 266 11.26 21.39 2.16
CA ARG C 266 11.97 20.08 2.11
C ARG C 266 11.91 19.43 3.50
N LEU C 267 11.85 20.20 4.59
CA LEU C 267 11.66 19.64 5.96
C LEU C 267 10.26 19.02 6.03
N SER C 268 9.26 19.69 5.46
CA SER C 268 7.87 19.19 5.38
C SER C 268 7.80 18.01 4.40
N GLY C 269 8.62 18.01 3.34
CA GLY C 269 8.73 16.88 2.40
C GLY C 269 7.83 17.07 1.17
N TYR C 270 7.24 18.25 0.99
CA TYR C 270 6.39 18.58 -0.19
C TYR C 270 7.27 18.70 -1.44
N THR C 271 8.39 19.41 -1.36
CA THR C 271 9.48 19.38 -2.39
C THR C 271 10.33 18.16 -2.11
N PRO C 272 10.53 17.21 -3.07
CA PRO C 272 11.39 16.03 -2.85
C PRO C 272 12.83 16.29 -2.38
N ASN C 273 13.36 15.42 -1.50
CA ASN C 273 14.64 15.65 -0.77
C ASN C 273 15.83 15.51 -1.74
N ASP C 274 15.69 14.70 -2.79
CA ASP C 274 16.78 14.44 -3.78
C ASP C 274 16.83 15.58 -4.81
N GLN C 275 15.75 16.36 -4.95
CA GLN C 275 15.58 17.36 -6.03
C GLN C 275 15.69 18.80 -5.50
N TRP C 276 15.44 19.04 -4.21
CA TRP C 276 15.21 20.41 -3.66
C TRP C 276 16.45 21.30 -3.91
N GLU C 277 17.66 20.80 -3.67
CA GLU C 277 18.92 21.57 -3.85
C GLU C 277 19.05 22.03 -5.31
N PHE C 278 18.89 21.10 -6.26
CA PHE C 278 18.96 21.34 -7.72
C PHE C 278 17.97 22.44 -8.12
N ILE C 279 16.71 22.33 -7.67
CA ILE C 279 15.59 23.25 -8.04
C ILE C 279 15.96 24.68 -7.59
N GLU C 280 16.34 24.85 -6.32
CA GLU C 280 16.71 26.17 -5.72
C GLU C 280 17.89 26.77 -6.49
N ASN C 281 18.96 25.99 -6.66
CA ASN C 281 20.23 26.43 -7.32
C ASN C 281 19.95 26.82 -8.78
N THR C 282 19.10 26.06 -9.47
CA THR C 282 18.71 26.30 -10.89
C THR C 282 17.83 27.55 -10.99
N LEU C 283 16.85 27.67 -10.09
CA LEU C 283 15.90 28.82 -10.01
C LEU C 283 16.68 30.14 -9.82
N VAL C 284 17.59 30.17 -8.83
CA VAL C 284 18.33 31.39 -8.40
C VAL C 284 19.22 31.88 -9.55
N GLU C 285 19.90 30.97 -10.26
CA GLU C 285 20.83 31.33 -11.37
C GLU C 285 20.02 31.79 -12.59
N LYS C 286 18.81 31.26 -12.79
CA LYS C 286 17.91 31.65 -13.90
C LYS C 286 17.21 32.97 -13.57
N LEU C 287 16.87 33.18 -12.29
CA LEU C 287 16.27 34.46 -11.79
C LEU C 287 17.28 35.59 -11.95
N SER C 288 18.58 35.32 -11.73
CA SER C 288 19.69 36.32 -11.77
C SER C 288 19.94 36.80 -13.20
N SER C 289 19.39 36.11 -14.21
CA SER C 289 19.51 36.46 -15.65
C SER C 289 18.67 37.69 -15.99
N ILE C 290 17.58 37.93 -15.24
CA ILE C 290 16.61 39.04 -15.50
C ILE C 290 16.63 40.06 -14.35
N TYR C 291 16.93 39.62 -13.12
CA TYR C 291 16.98 40.48 -11.89
C TYR C 291 18.41 40.56 -11.35
N GLU C 292 18.68 41.58 -10.54
CA GLU C 292 19.91 41.73 -9.72
C GLU C 292 19.52 41.66 -8.24
N PHE C 293 20.15 40.77 -7.47
CA PHE C 293 19.84 40.51 -6.03
C PHE C 293 20.98 39.71 -5.39
N GLU C 294 20.96 39.64 -4.05
CA GLU C 294 21.87 38.80 -3.23
C GLU C 294 21.01 37.88 -2.36
N PRO C 295 20.94 36.57 -2.66
CA PRO C 295 20.20 35.62 -1.83
C PRO C 295 20.69 35.61 -0.37
N ILE C 296 19.77 35.84 0.58
CA ILE C 296 20.06 35.89 2.05
C ILE C 296 19.06 34.96 2.75
N PHE C 297 19.55 34.12 3.67
CA PHE C 297 18.73 33.15 4.44
C PHE C 297 17.93 33.89 5.51
N VAL C 298 16.69 33.47 5.75
CA VAL C 298 15.68 34.13 6.63
C VAL C 298 16.24 34.32 8.05
N SER C 299 17.17 33.46 8.47
CA SER C 299 17.87 33.52 9.79
C SER C 299 18.48 34.92 10.01
N GLU C 300 19.05 35.52 8.97
CA GLU C 300 19.73 36.85 9.02
C GLU C 300 18.73 37.93 9.46
N LEU C 301 17.46 37.81 9.07
CA LEU C 301 16.36 38.74 9.48
C LEU C 301 15.99 38.47 10.93
N SER C 302 15.92 37.19 11.32
CA SER C 302 15.59 36.73 12.71
C SER C 302 16.62 37.29 13.70
N LYS C 303 17.91 37.21 13.36
CA LYS C 303 19.05 37.73 14.17
C LYS C 303 18.74 39.15 14.65
N LYS C 304 18.43 40.06 13.72
CA LYS C 304 18.34 41.53 13.96
C LYS C 304 17.15 41.85 14.87
N VAL C 305 16.09 41.04 14.81
CA VAL C 305 14.85 41.19 15.65
C VAL C 305 15.13 40.63 17.05
N LEU C 306 15.90 39.54 17.15
CA LEU C 306 16.19 38.84 18.43
C LEU C 306 17.18 39.66 19.28
N VAL C 307 18.17 40.29 18.66
CA VAL C 307 19.17 41.17 19.34
C VAL C 307 18.51 42.53 19.62
N ALA D 3 -45.38 -10.71 18.94
CA ALA D 3 -44.16 -10.46 18.10
C ALA D 3 -43.46 -9.18 18.56
N LYS D 4 -42.28 -9.32 19.17
CA LYS D 4 -41.46 -8.19 19.69
C LYS D 4 -40.64 -7.57 18.56
N ILE D 5 -40.19 -6.33 18.75
CA ILE D 5 -39.27 -5.60 17.82
C ILE D 5 -37.84 -5.74 18.37
N PRO D 6 -36.87 -6.24 17.57
CA PRO D 6 -35.47 -6.24 17.98
C PRO D 6 -35.00 -4.84 18.42
N PHE D 7 -34.50 -4.74 19.65
CA PHE D 7 -34.07 -3.48 20.32
C PHE D 7 -32.65 -3.70 20.87
N TYR D 8 -31.70 -2.84 20.49
CA TYR D 8 -30.26 -2.98 20.83
C TYR D 8 -29.67 -1.63 21.25
N ILE D 9 -28.88 -1.65 22.32
CA ILE D 9 -28.21 -0.46 22.92
C ILE D 9 -26.69 -0.64 22.79
N MSE D 10 -26.01 0.40 22.33
CA MSE D 10 -24.58 0.37 22.12
C MSE D 10 -23.95 1.57 22.82
O MSE D 10 -24.66 2.52 23.16
CB MSE D 10 -24.28 0.43 20.61
CG MSE D 10 -24.46 1.81 20.02
SE MSE D 10 -24.88 1.73 18.12
CE MSE D 10 -26.65 0.90 18.02
N GLU D 11 -22.63 1.55 22.98
CA GLU D 11 -21.89 2.65 23.58
C GLU D 11 -21.55 3.70 22.52
N GLU D 12 -21.02 3.27 21.37
CA GLU D 12 -20.56 4.18 20.30
C GLU D 12 -21.25 3.84 18.97
N HIS D 13 -21.34 4.82 18.08
CA HIS D 13 -22.28 4.77 16.93
C HIS D 13 -21.82 3.79 15.85
N ASN D 14 -20.53 3.45 15.79
CA ASN D 14 -19.97 2.55 14.74
C ASN D 14 -20.54 1.13 14.87
N GLU D 15 -21.07 0.76 16.05
CA GLU D 15 -21.56 -0.61 16.36
C GLU D 15 -22.87 -0.88 15.60
N ALA D 16 -23.61 0.16 15.23
CA ALA D 16 -24.87 0.06 14.44
C ALA D 16 -24.63 -0.81 13.21
N PHE D 17 -23.52 -0.60 12.49
CA PHE D 17 -23.15 -1.34 11.26
C PHE D 17 -23.21 -2.85 11.55
N PHE D 18 -22.63 -3.27 12.67
CA PHE D 18 -22.58 -4.69 13.13
C PHE D 18 -23.99 -5.20 13.41
N ILE D 19 -24.82 -4.39 14.08
CA ILE D 19 -26.20 -4.74 14.50
C ILE D 19 -27.09 -4.92 13.27
N TRP D 20 -26.96 -4.02 12.28
CA TRP D 20 -27.73 -4.05 11.00
C TRP D 20 -27.46 -5.38 10.26
N HIS D 21 -26.19 -5.75 10.13
CA HIS D 21 -25.74 -6.99 9.44
C HIS D 21 -26.18 -8.23 10.22
N TYR D 22 -26.24 -8.15 11.56
CA TYR D 22 -26.74 -9.23 12.44
C TYR D 22 -28.24 -9.43 12.18
N ALA D 23 -28.98 -8.33 12.05
CA ALA D 23 -30.44 -8.30 11.79
C ALA D 23 -30.74 -8.94 10.43
N VAL D 24 -29.90 -8.68 9.42
CA VAL D 24 -30.00 -9.27 8.05
C VAL D 24 -29.73 -10.77 8.14
N ALA D 25 -28.68 -11.18 8.86
CA ALA D 25 -28.26 -12.58 9.05
C ALA D 25 -29.38 -13.39 9.71
N GLU D 26 -30.00 -12.83 10.75
CA GLU D 26 -31.12 -13.47 11.50
C GLU D 26 -32.43 -13.33 10.73
N GLY D 27 -32.51 -12.35 9.82
CA GLY D 27 -33.68 -12.12 8.93
C GLY D 27 -34.74 -11.26 9.60
N TRP D 28 -34.34 -10.41 10.56
CA TRP D 28 -35.24 -9.42 11.22
C TRP D 28 -35.61 -8.32 10.22
N ILE D 29 -34.64 -7.92 9.39
CA ILE D 29 -34.82 -6.94 8.28
C ILE D 29 -34.36 -7.62 6.98
N ASN D 30 -34.80 -7.08 5.83
CA ASN D 30 -34.43 -7.62 4.49
C ASN D 30 -32.99 -7.23 4.16
N LYS D 31 -32.41 -7.90 3.16
CA LYS D 31 -31.01 -7.68 2.71
C LYS D 31 -30.84 -6.26 2.15
N ASN D 32 -31.91 -5.69 1.56
CA ASN D 32 -31.85 -4.36 0.90
C ASN D 32 -33.23 -3.68 0.96
N GLN D 33 -33.30 -2.44 0.44
CA GLN D 33 -34.51 -1.58 0.33
C GLN D 33 -35.07 -1.27 1.72
N ASN D 34 -34.23 -1.18 2.74
CA ASN D 34 -34.64 -0.77 4.10
C ASN D 34 -34.58 0.77 4.18
N THR D 35 -35.18 1.35 5.21
CA THR D 35 -35.14 2.81 5.44
C THR D 35 -34.38 3.07 6.73
N LEU D 36 -33.37 3.94 6.70
CA LEU D 36 -32.64 4.36 7.92
C LEU D 36 -33.25 5.68 8.42
N LEU D 37 -34.03 5.61 9.50
CA LEU D 37 -34.48 6.81 10.24
C LEU D 37 -33.40 7.15 11.27
N HIS D 38 -32.49 8.07 10.91
CA HIS D 38 -31.26 8.42 11.66
C HIS D 38 -31.53 9.62 12.58
N VAL D 39 -31.86 9.34 13.84
CA VAL D 39 -32.22 10.39 14.85
C VAL D 39 -30.95 10.76 15.60
N ASP D 40 -30.34 11.88 15.27
CA ASP D 40 -29.00 12.25 15.78
C ASP D 40 -28.77 13.75 15.64
N GLU D 41 -27.86 14.31 16.43
CA GLU D 41 -27.40 15.71 16.27
C GLU D 41 -26.47 15.78 15.05
N HIS D 42 -25.78 14.69 14.73
CA HIS D 42 -24.78 14.63 13.64
C HIS D 42 -25.26 13.69 12.52
N SER D 43 -25.01 14.05 11.27
CA SER D 43 -25.45 13.27 10.10
C SER D 43 -24.67 11.95 10.02
N ASP D 44 -23.43 11.92 10.52
CA ASP D 44 -22.52 10.74 10.44
C ASP D 44 -22.41 10.31 8.97
N LEU D 45 -22.14 11.27 8.09
CA LEU D 45 -22.02 11.05 6.63
C LEU D 45 -20.60 11.39 6.16
N VAL D 46 -19.59 10.93 6.90
CA VAL D 46 -18.18 10.92 6.42
C VAL D 46 -18.04 9.74 5.45
N VAL D 47 -17.45 9.97 4.28
CA VAL D 47 -17.16 8.90 3.28
C VAL D 47 -15.90 8.19 3.75
N PRO D 48 -15.99 6.89 4.14
CA PRO D 48 -14.89 6.20 4.80
C PRO D 48 -13.69 5.82 3.92
N ILE D 49 -12.52 5.75 4.56
CA ILE D 49 -11.22 5.29 3.99
C ILE D 49 -10.95 3.91 4.61
N LEU D 50 -10.93 2.84 3.82
CA LEU D 50 -10.92 1.46 4.36
C LEU D 50 -9.72 0.67 3.84
N ASN D 51 -9.22 -0.25 4.67
CA ASN D 51 -8.20 -1.27 4.34
C ASN D 51 -8.91 -2.48 3.72
N SER D 52 -9.97 -2.96 4.37
CA SER D 52 -10.82 -4.09 3.95
C SER D 52 -11.80 -3.66 2.87
N SER D 53 -12.04 -4.52 1.88
CA SER D 53 -13.09 -4.35 0.85
C SER D 53 -14.44 -4.68 1.47
N LEU D 54 -15.46 -3.84 1.24
CA LEU D 54 -16.84 -4.04 1.74
C LEU D 54 -17.51 -5.20 0.99
N LYS D 55 -16.87 -5.70 -0.07
CA LYS D 55 -17.32 -6.90 -0.83
C LYS D 55 -16.84 -8.18 -0.14
N SER D 56 -15.92 -8.07 0.82
CA SER D 56 -15.33 -9.23 1.55
C SER D 56 -15.83 -9.28 3.01
N VAL D 57 -16.25 -8.14 3.58
CA VAL D 57 -16.54 -7.99 5.04
C VAL D 57 -17.76 -8.83 5.42
N ASN D 58 -18.66 -9.10 4.47
CA ASN D 58 -19.96 -9.78 4.70
C ASN D 58 -19.81 -11.31 4.63
N GLU D 59 -18.57 -11.81 4.49
CA GLU D 59 -18.26 -13.26 4.41
C GLU D 59 -18.98 -14.02 5.53
N ASN D 60 -18.81 -13.55 6.78
CA ASN D 60 -19.48 -14.10 7.98
C ASN D 60 -19.64 -12.98 9.00
N ILE D 61 -20.51 -13.20 10.00
CA ILE D 61 -20.90 -12.19 11.02
C ILE D 61 -19.68 -11.83 11.88
N LYS D 62 -18.77 -12.79 12.10
CA LYS D 62 -17.51 -12.58 12.87
C LYS D 62 -16.66 -11.55 12.12
N ARG D 63 -16.55 -11.65 10.80
CA ARG D 63 -15.71 -10.74 9.97
C ARG D 63 -16.29 -9.33 10.02
N VAL D 64 -17.62 -9.19 10.03
CA VAL D 64 -18.34 -7.89 10.13
C VAL D 64 -18.00 -7.25 11.48
N HIS D 65 -18.08 -8.04 12.55
CA HIS D 65 -17.77 -7.63 13.95
C HIS D 65 -16.36 -7.04 14.02
N ASP D 66 -15.35 -7.80 13.56
CA ASP D 66 -13.92 -7.41 13.58
C ASP D 66 -13.74 -6.08 12.83
N PHE D 67 -14.32 -5.98 11.62
CA PHE D 67 -14.25 -4.78 10.73
C PHE D 67 -14.88 -3.57 11.44
N THR D 68 -16.01 -3.78 12.12
CA THR D 68 -16.81 -2.72 12.82
C THR D 68 -15.94 -2.02 13.87
N TYR D 69 -15.22 -2.79 14.69
CA TYR D 69 -14.43 -2.28 15.84
C TYR D 69 -13.01 -1.93 15.41
N SER D 70 -12.61 -2.27 14.18
CA SER D 70 -11.24 -2.08 13.65
C SER D 70 -11.15 -0.82 12.77
N GLU D 71 -12.07 -0.65 11.82
CA GLU D 71 -11.92 0.30 10.67
C GLU D 71 -12.96 1.42 10.72
N LEU D 72 -14.16 1.16 11.24
CA LEU D 72 -15.28 2.14 11.26
C LEU D 72 -15.09 3.11 12.44
N THR D 73 -15.32 4.41 12.18
CA THR D 73 -15.40 5.49 13.21
C THR D 73 -16.88 5.72 13.53
N ILE D 74 -17.17 6.66 14.41
CA ILE D 74 -18.56 6.96 14.87
C ILE D 74 -19.23 7.95 13.92
N ALA D 75 -18.66 8.23 12.75
CA ALA D 75 -19.20 9.22 11.79
C ALA D 75 -19.08 8.75 10.33
N ASN D 76 -18.72 7.48 10.06
CA ASN D 76 -18.43 6.99 8.68
C ASN D 76 -19.01 5.59 8.45
N PHE D 77 -20.05 5.21 9.20
CA PHE D 77 -20.59 3.81 9.23
C PHE D 77 -21.89 3.71 8.44
N ILE D 78 -22.41 4.82 7.89
CA ILE D 78 -23.71 4.84 7.15
C ILE D 78 -23.44 4.54 5.66
N TYR D 79 -22.47 5.23 5.05
CA TYR D 79 -22.15 5.14 3.60
C TYR D 79 -21.71 3.71 3.24
N PRO D 80 -20.92 3.01 4.09
CA PRO D 80 -20.66 1.59 3.88
C PRO D 80 -21.93 0.75 3.68
N ALA D 81 -22.94 0.96 4.53
CA ALA D 81 -24.24 0.26 4.51
C ALA D 81 -25.00 0.61 3.23
N LEU D 82 -24.91 1.87 2.78
CA LEU D 82 -25.57 2.38 1.54
C LEU D 82 -24.91 1.75 0.31
N TYR D 83 -23.58 1.65 0.29
CA TYR D 83 -22.79 1.01 -0.79
C TYR D 83 -23.15 -0.48 -0.91
N GLN D 84 -23.39 -1.14 0.24
CA GLN D 84 -23.75 -2.58 0.32
C GLN D 84 -25.24 -2.78 -0.01
N GLY D 85 -26.00 -1.68 -0.09
CA GLY D 85 -27.40 -1.68 -0.56
C GLY D 85 -28.37 -2.05 0.55
N VAL D 86 -27.94 -2.01 1.81
CA VAL D 86 -28.78 -2.33 3.00
C VAL D 86 -29.95 -1.34 3.06
N PHE D 87 -29.68 -0.05 2.79
CA PHE D 87 -30.68 1.05 2.79
C PHE D 87 -30.77 1.67 1.40
N SER D 88 -32.01 1.97 0.97
CA SER D 88 -32.34 2.66 -0.32
C SER D 88 -32.55 4.15 -0.09
N GLN D 89 -32.96 4.55 1.12
CA GLN D 89 -33.17 5.98 1.50
C GLN D 89 -32.84 6.18 2.99
N VAL D 90 -32.33 7.36 3.33
CA VAL D 90 -31.93 7.78 4.72
C VAL D 90 -32.72 9.04 5.08
N TYR D 91 -33.25 9.08 6.31
CA TYR D 91 -33.98 10.25 6.87
C TYR D 91 -33.30 10.68 8.18
N TRP D 92 -32.55 11.79 8.11
CA TRP D 92 -31.78 12.38 9.23
C TRP D 92 -32.69 13.31 10.05
N LEU D 93 -33.15 12.85 11.22
CA LEU D 93 -34.01 13.63 12.14
C LEU D 93 -33.13 14.39 13.14
N ARG D 94 -33.25 15.72 13.16
CA ARG D 94 -32.41 16.66 13.96
C ARG D 94 -33.31 17.74 14.59
N GLN D 95 -32.89 18.28 15.74
CA GLN D 95 -33.66 19.32 16.49
C GLN D 95 -33.79 20.59 15.64
N LYS D 96 -32.70 21.06 15.05
CA LYS D 96 -32.67 22.24 14.14
C LYS D 96 -31.66 22.02 13.01
N HIS D 97 -32.17 21.88 11.78
CA HIS D 97 -31.35 21.72 10.54
C HIS D 97 -30.90 23.08 10.03
N ASP D 98 -29.82 23.10 9.23
CA ASP D 98 -29.41 24.27 8.40
C ASP D 98 -30.56 24.59 7.45
N PRO D 99 -31.00 25.86 7.35
CA PRO D 99 -32.17 26.20 6.52
C PRO D 99 -31.97 25.98 5.01
N LYS D 100 -30.73 26.00 4.51
CA LYS D 100 -30.41 25.85 3.06
C LYS D 100 -30.38 24.36 2.68
N LEU D 101 -30.44 23.45 3.67
CA LEU D 101 -30.65 21.99 3.44
C LEU D 101 -32.16 21.77 3.27
N ASN D 102 -32.63 21.60 2.02
CA ASN D 102 -34.07 21.56 1.69
C ASN D 102 -34.40 20.24 0.98
N GLY D 103 -35.21 19.39 1.63
CA GLY D 103 -35.89 18.23 1.02
C GLY D 103 -34.95 17.11 0.62
N GLN D 104 -35.45 16.17 -0.17
CA GLN D 104 -34.72 14.97 -0.66
C GLN D 104 -33.51 15.41 -1.49
N LYS D 105 -32.40 14.69 -1.36
CA LYS D 105 -31.14 14.91 -2.10
C LYS D 105 -30.79 13.62 -2.82
N GLN D 106 -30.80 13.62 -4.16
CA GLN D 106 -30.42 12.44 -4.99
C GLN D 106 -28.91 12.28 -4.95
N LEU D 107 -28.43 11.13 -4.45
CA LEU D 107 -26.99 10.77 -4.34
C LEU D 107 -26.79 9.35 -4.88
N ASN D 108 -25.58 9.06 -5.37
CA ASN D 108 -25.13 7.70 -5.76
C ASN D 108 -23.73 7.47 -5.18
N ILE D 109 -23.44 6.25 -4.75
CA ILE D 109 -22.11 5.84 -4.20
C ILE D 109 -21.63 4.60 -4.95
N TYR D 110 -20.36 4.59 -5.35
CA TYR D 110 -19.64 3.45 -5.96
C TYR D 110 -18.21 3.41 -5.40
N SER D 111 -17.47 2.35 -5.70
CA SER D 111 -16.06 2.16 -5.23
C SER D 111 -15.10 2.30 -6.40
N HIS D 112 -13.86 2.70 -6.12
CA HIS D 112 -12.76 2.89 -7.10
C HIS D 112 -12.45 1.57 -7.80
N GLN D 113 -12.88 1.43 -9.06
CA GLN D 113 -12.59 0.26 -9.95
C GLN D 113 -13.31 -1.00 -9.41
N GLY D 114 -14.39 -0.82 -8.66
CA GLY D 114 -15.23 -1.91 -8.12
C GLY D 114 -14.49 -2.80 -7.13
N GLU D 115 -13.53 -2.25 -6.39
CA GLU D 115 -12.72 -3.01 -5.39
C GLU D 115 -13.38 -2.91 -4.00
N GLY D 116 -14.24 -1.93 -3.78
CA GLY D 116 -15.09 -1.80 -2.57
C GLY D 116 -14.32 -1.32 -1.35
N LYS D 117 -13.17 -0.65 -1.56
CA LYS D 117 -12.31 -0.11 -0.46
C LYS D 117 -12.44 1.42 -0.40
N ARG D 118 -12.22 2.11 -1.52
CA ARG D 118 -12.28 3.59 -1.64
C ARG D 118 -13.63 3.99 -2.22
N LEU D 119 -14.53 4.53 -1.39
CA LEU D 119 -15.90 4.94 -1.79
C LEU D 119 -15.85 6.35 -2.43
N ILE D 120 -16.68 6.57 -3.45
CA ILE D 120 -16.79 7.84 -4.21
C ILE D 120 -18.27 8.28 -4.21
N LEU D 121 -18.56 9.48 -3.69
CA LEU D 121 -19.93 10.04 -3.59
C LEU D 121 -20.15 11.06 -4.71
N LYS D 122 -21.31 11.01 -5.37
CA LYS D 122 -21.68 11.89 -6.52
C LYS D 122 -23.14 12.34 -6.39
N SER D 123 -23.45 13.55 -6.87
CA SER D 123 -24.81 14.15 -6.88
C SER D 123 -25.62 13.57 -8.05
N LYS D 124 -25.01 13.49 -9.23
CA LYS D 124 -25.64 12.93 -10.46
C LYS D 124 -24.90 11.65 -10.87
N VAL D 125 -25.65 10.66 -11.35
CA VAL D 125 -25.13 9.32 -11.77
C VAL D 125 -24.36 9.51 -13.08
N ASP D 126 -23.06 9.18 -13.09
CA ASP D 126 -22.18 9.20 -14.30
C ASP D 126 -22.76 8.22 -15.32
N PHE D 127 -22.49 8.46 -16.61
CA PHE D 127 -22.92 7.60 -17.76
C PHE D 127 -22.36 6.19 -17.56
N ASN D 128 -21.13 6.08 -17.05
CA ASN D 128 -20.40 4.80 -16.83
C ASN D 128 -21.10 3.98 -15.73
N ASN D 129 -21.71 4.65 -14.76
CA ASN D 129 -22.32 4.03 -13.55
C ASN D 129 -23.84 3.85 -13.72
N LEU D 130 -24.35 4.02 -14.95
CA LEU D 130 -25.81 3.98 -15.24
C LEU D 130 -26.34 2.55 -15.05
N PHE D 131 -25.53 1.53 -15.38
CA PHE D 131 -25.87 0.09 -15.24
C PHE D 131 -24.77 -0.65 -14.45
N ASN D 132 -23.96 0.08 -13.68
CA ASN D 132 -22.84 -0.49 -12.89
C ASN D 132 -23.40 -1.07 -11.59
N PRO D 133 -23.31 -2.41 -11.36
CA PRO D 133 -23.77 -3.03 -10.12
C PRO D 133 -23.12 -2.43 -8.86
N ASP D 134 -21.85 -2.03 -8.97
CA ASP D 134 -21.05 -1.43 -7.89
C ASP D 134 -21.72 -0.13 -7.40
N CYS D 135 -22.34 0.62 -8.32
CA CYS D 135 -22.99 1.93 -8.05
C CYS D 135 -24.38 1.70 -7.44
N LYS D 136 -24.71 2.44 -6.38
CA LYS D 136 -26.02 2.39 -5.67
C LYS D 136 -26.61 3.80 -5.63
N SER D 137 -27.86 3.95 -6.06
CA SER D 137 -28.65 5.22 -5.99
C SER D 137 -29.50 5.20 -4.71
N PHE D 138 -29.50 6.33 -3.98
CA PHE D 138 -30.23 6.50 -2.69
C PHE D 138 -30.59 7.98 -2.50
N THR D 139 -31.42 8.26 -1.50
CA THR D 139 -31.85 9.63 -1.12
C THR D 139 -31.56 9.88 0.37
N ILE D 140 -30.92 11.01 0.68
CA ILE D 140 -30.72 11.52 2.07
C ILE D 140 -31.59 12.77 2.24
N THR D 141 -32.45 12.78 3.26
CA THR D 141 -33.49 13.82 3.48
C THR D 141 -33.44 14.30 4.93
N PRO D 142 -33.35 15.63 5.18
CA PRO D 142 -33.43 16.16 6.53
C PRO D 142 -34.89 16.32 6.98
N LEU D 143 -35.18 15.97 8.24
CA LEU D 143 -36.55 16.01 8.83
C LEU D 143 -36.50 16.62 10.24
N ASN D 144 -37.66 17.05 10.74
CA ASN D 144 -37.86 17.56 12.12
C ASN D 144 -39.08 16.85 12.73
N ALA D 145 -39.09 16.68 14.06
CA ALA D 145 -40.17 16.02 14.82
C ALA D 145 -41.44 16.89 14.78
N GLN D 146 -41.27 18.21 14.68
CA GLN D 146 -42.38 19.21 14.69
C GLN D 146 -43.07 19.22 13.32
N ASP D 147 -42.33 19.00 12.23
CA ASP D 147 -42.83 19.02 10.83
C ASP D 147 -43.94 17.98 10.66
N ASP D 148 -45.04 18.36 10.00
CA ASP D 148 -46.18 17.48 9.65
C ASP D 148 -45.98 16.95 8.22
N LEU D 149 -46.05 15.64 8.03
CA LEU D 149 -45.77 14.96 6.74
C LEU D 149 -47.07 14.78 5.95
N SER D 150 -47.00 14.98 4.63
CA SER D 150 -48.08 14.74 3.64
C SER D 150 -48.38 13.24 3.54
N SER D 151 -49.47 12.89 2.85
CA SER D 151 -49.88 11.48 2.56
C SER D 151 -48.84 10.83 1.65
N GLU D 152 -48.26 11.59 0.71
CA GLU D 152 -47.19 11.14 -0.21
C GLU D 152 -45.87 10.98 0.56
N GLU D 153 -45.56 11.95 1.43
CA GLU D 153 -44.35 11.97 2.30
C GLU D 153 -44.39 10.77 3.26
N SER D 154 -45.51 10.59 3.97
CA SER D 154 -45.71 9.57 5.04
C SER D 154 -45.57 8.16 4.47
N LYS D 155 -46.17 7.89 3.30
CA LYS D 155 -46.14 6.56 2.62
C LYS D 155 -44.70 6.21 2.22
N LYS D 156 -43.98 7.18 1.63
CA LYS D 156 -42.62 6.99 1.08
C LYS D 156 -41.64 6.67 2.22
N LEU D 157 -41.70 7.41 3.32
CA LEU D 157 -40.79 7.25 4.47
C LEU D 157 -41.05 5.90 5.15
N ASN D 158 -42.31 5.53 5.35
CA ASN D 158 -42.69 4.36 6.20
C ASN D 158 -42.59 3.07 5.38
N LYS D 159 -41.38 2.67 5.00
CA LYS D 159 -41.10 1.40 4.27
C LYS D 159 -39.86 0.75 4.89
N SER D 160 -40.02 -0.42 5.52
CA SER D 160 -38.92 -1.24 6.10
C SER D 160 -37.99 -0.34 6.93
N VAL D 161 -38.55 0.34 7.93
CA VAL D 161 -37.84 1.40 8.72
C VAL D 161 -36.94 0.74 9.78
N ILE D 162 -35.69 1.22 9.88
CA ILE D 162 -34.77 0.93 11.01
C ILE D 162 -34.69 2.21 11.84
N LEU D 163 -35.17 2.17 13.09
CA LEU D 163 -35.15 3.33 14.02
C LEU D 163 -33.78 3.40 14.69
N ASP D 164 -32.91 4.27 14.18
CA ASP D 164 -31.49 4.42 14.60
C ASP D 164 -31.38 5.72 15.41
N ILE D 165 -31.33 5.62 16.74
CA ILE D 165 -31.39 6.81 17.65
C ILE D 165 -30.06 6.96 18.39
N ASP D 166 -29.46 8.14 18.27
CA ASP D 166 -28.30 8.58 19.09
C ASP D 166 -28.87 9.56 20.10
N ILE D 167 -28.70 9.35 21.41
CA ILE D 167 -29.40 10.12 22.47
C ILE D 167 -28.86 11.56 22.57
N ASP D 168 -27.74 11.89 21.93
CA ASP D 168 -27.21 13.29 21.85
C ASP D 168 -28.19 14.16 21.07
N TYR D 169 -29.10 13.54 20.31
CA TYR D 169 -30.25 14.21 19.62
C TYR D 169 -31.02 15.07 20.63
N PHE D 170 -31.21 14.57 21.85
CA PHE D 170 -32.04 15.20 22.92
C PHE D 170 -31.23 16.25 23.68
N SER D 171 -29.93 16.01 23.90
CA SER D 171 -28.99 16.92 24.58
C SER D 171 -27.55 16.59 24.18
N CYS D 172 -26.80 17.56 23.66
CA CYS D 172 -25.45 17.36 23.06
C CYS D 172 -24.42 18.33 23.66
N ASP D 173 -23.15 17.94 23.63
CA ASP D 173 -21.97 18.76 24.04
C ASP D 173 -20.85 18.55 23.01
N ASN D 174 -20.81 19.41 21.98
CA ASN D 174 -19.85 19.32 20.84
C ASN D 174 -18.45 19.72 21.28
N VAL D 175 -18.32 20.50 22.37
CA VAL D 175 -17.00 20.95 22.93
C VAL D 175 -16.23 19.72 23.40
N SER D 176 -16.89 18.84 24.17
CA SER D 176 -16.28 17.62 24.78
C SER D 176 -16.17 16.50 23.73
N GLY D 177 -17.16 16.37 22.86
CA GLY D 177 -17.23 15.32 21.82
C GLY D 177 -16.11 15.46 20.81
N GLU D 178 -15.91 16.67 20.27
CA GLU D 178 -14.94 16.94 19.18
C GLU D 178 -13.51 16.99 19.75
N TYR D 179 -13.35 17.11 21.07
CA TYR D 179 -12.02 17.19 21.74
C TYR D 179 -11.29 15.85 21.62
N LEU D 180 -10.02 15.89 21.22
CA LEU D 180 -9.17 14.69 21.03
C LEU D 180 -7.75 15.01 21.53
N GLU D 181 -7.21 14.15 22.41
CA GLU D 181 -5.82 14.25 22.93
C GLU D 181 -5.19 12.85 22.92
N VAL D 182 -3.86 12.79 22.81
CA VAL D 182 -3.05 11.55 22.94
C VAL D 182 -1.83 11.87 23.83
N GLU D 183 -1.51 10.97 24.77
CA GLU D 183 -0.33 11.10 25.67
C GLU D 183 0.94 10.98 24.83
N ILE D 184 1.71 12.08 24.72
CA ILE D 184 3.01 12.13 23.98
C ILE D 184 4.15 12.05 24.99
N THR D 185 5.39 11.91 24.51
CA THR D 185 6.62 11.81 25.33
C THR D 185 7.12 13.22 25.65
N GLU D 186 8.03 13.34 26.65
CA GLU D 186 8.69 14.61 27.05
C GLU D 186 9.45 15.19 25.86
N GLU D 187 10.11 14.33 25.08
CA GLU D 187 10.91 14.71 23.88
C GLU D 187 9.99 15.37 22.84
N ALA D 188 8.83 14.76 22.58
CA ALA D 188 7.81 15.21 21.60
C ALA D 188 7.23 16.55 22.03
N TYR D 189 6.94 16.72 23.32
CA TYR D 189 6.37 17.96 23.91
C TYR D 189 7.29 19.14 23.60
N TYR D 190 8.55 19.03 24.01
CA TYR D 190 9.57 20.10 23.91
C TYR D 190 9.84 20.42 22.43
N ASP D 191 9.93 19.41 21.58
CA ASP D 191 10.22 19.59 20.12
C ASP D 191 9.08 20.39 19.49
N TYR D 192 7.82 20.10 19.84
CA TYR D 192 6.62 20.76 19.26
C TYR D 192 6.76 22.28 19.36
N ILE D 193 7.15 22.80 20.52
CA ILE D 193 7.20 24.26 20.82
C ILE D 193 8.56 24.83 20.42
N ASN D 194 9.67 24.17 20.81
CA ASN D 194 11.05 24.70 20.68
C ASN D 194 11.54 24.62 19.23
N ASN D 195 11.27 23.51 18.52
CA ASN D 195 11.77 23.29 17.14
C ASN D 195 11.08 24.29 16.20
N LEU D 196 11.89 25.04 15.43
CA LEU D 196 11.45 26.11 14.51
C LEU D 196 10.60 25.51 13.39
N TYR D 197 10.88 24.25 13.01
CA TYR D 197 10.26 23.55 11.85
C TYR D 197 9.71 22.17 12.27
N ASN D 198 9.17 22.06 13.49
CA ASN D 198 8.42 20.85 13.93
C ASN D 198 7.18 20.73 13.03
N LYS D 199 7.15 19.69 12.19
CA LYS D 199 6.13 19.50 11.11
C LYS D 199 4.72 19.50 11.71
N LEU D 200 4.54 18.86 12.87
CA LEU D 200 3.22 18.70 13.54
C LEU D 200 2.65 20.08 13.92
N ARG D 201 3.51 21.07 14.21
CA ARG D 201 3.06 22.43 14.55
C ARG D 201 2.70 23.20 13.26
N ILE D 202 3.60 23.17 12.27
CA ILE D 202 3.53 24.06 11.07
C ILE D 202 2.62 23.43 10.00
N CYS D 203 2.21 22.16 10.16
CA CYS D 203 1.37 21.45 9.17
C CYS D 203 -0.02 21.11 9.74
N TRP D 204 -0.28 21.41 11.01
CA TRP D 204 -1.58 21.08 11.65
C TRP D 204 -2.19 22.33 12.28
N GLY D 205 -3.30 22.82 11.72
CA GLY D 205 -4.02 24.03 12.16
C GLY D 205 -5.28 23.70 12.93
N GLY D 206 -6.32 24.52 12.78
CA GLY D 206 -7.58 24.39 13.52
C GLY D 206 -7.35 24.41 15.03
N ASN D 207 -6.46 25.30 15.49
CA ASN D 207 -6.09 25.55 16.92
C ASN D 207 -5.80 24.24 17.67
N ALA D 208 -5.04 23.32 17.06
CA ALA D 208 -4.47 22.13 17.72
C ALA D 208 -3.27 22.57 18.56
N SER D 209 -3.08 22.00 19.76
CA SER D 209 -2.02 22.46 20.68
C SER D 209 -1.47 21.30 21.55
N VAL D 210 -0.56 21.66 22.46
CA VAL D 210 0.13 20.74 23.41
C VAL D 210 -0.17 21.22 24.83
N LYS D 211 -0.34 20.30 25.79
CA LYS D 211 -0.66 20.65 27.19
C LYS D 211 0.18 19.79 28.15
N TYR D 212 0.45 20.34 29.35
CA TYR D 212 1.15 19.67 30.47
C TYR D 212 0.18 19.54 31.64
N MSE D 213 0.03 18.33 32.18
CA MSE D 213 -0.88 18.08 33.28
C MSE D 213 -0.50 16.78 33.98
O MSE D 213 -0.34 15.76 33.33
CB MSE D 213 -2.32 18.02 32.76
CG MSE D 213 -3.36 18.43 33.78
SE MSE D 213 -5.12 17.67 33.37
CE MSE D 213 -6.01 18.82 32.04
N ASP D 214 -0.35 16.86 35.31
CA ASP D 214 -0.07 15.73 36.19
C ASP D 214 1.31 15.13 35.87
N GLY D 215 2.25 15.92 35.35
CA GLY D 215 3.61 15.48 35.00
C GLY D 215 3.65 14.67 33.71
N LYS D 216 2.60 14.75 32.90
CA LYS D 216 2.46 14.00 31.62
C LYS D 216 2.23 15.00 30.48
N TYR D 217 2.53 14.61 29.25
CA TYR D 217 2.49 15.50 28.06
C TYR D 217 1.42 14.99 27.11
N TYR D 218 0.61 15.90 26.55
CA TYR D 218 -0.51 15.58 25.63
C TYR D 218 -0.47 16.51 24.42
N PHE D 219 -0.81 15.96 23.26
CA PHE D 219 -1.06 16.73 22.01
C PHE D 219 -2.58 16.72 21.77
N CYS D 220 -3.19 17.91 21.74
CA CYS D 220 -4.65 18.08 21.51
C CYS D 220 -4.89 18.27 20.01
N ILE D 221 -5.28 17.19 19.33
CA ILE D 221 -5.45 17.16 17.85
C ILE D 221 -6.59 18.11 17.48
N ILE D 222 -7.69 18.11 18.25
CA ILE D 222 -8.86 18.99 17.99
C ILE D 222 -9.22 19.73 19.28
N GLN D 223 -9.43 21.05 19.17
CA GLN D 223 -9.89 21.93 20.28
C GLN D 223 -11.00 22.82 19.75
N PRO D 224 -12.28 22.56 20.11
CA PRO D 224 -13.43 23.28 19.55
C PRO D 224 -13.65 24.77 19.90
N ASP D 225 -12.84 25.34 20.80
CA ASP D 225 -13.01 26.72 21.31
C ASP D 225 -14.41 26.85 21.90
N LYS D 226 -14.51 26.74 23.22
CA LYS D 226 -15.78 26.71 23.98
C LYS D 226 -16.50 28.05 23.77
N LEU D 227 -15.75 29.15 23.75
CA LEU D 227 -16.28 30.53 23.64
C LEU D 227 -17.03 30.70 22.30
N VAL D 228 -16.54 30.11 21.21
CA VAL D 228 -17.17 30.27 19.87
C VAL D 228 -18.17 29.13 19.57
N ALA D 229 -18.34 28.15 20.46
CA ALA D 229 -19.15 26.95 20.13
C ALA D 229 -20.53 26.99 20.80
N GLU D 230 -21.60 26.92 20.00
CA GLU D 230 -23.01 26.92 20.49
C GLU D 230 -23.17 25.77 21.51
N ASN D 231 -23.88 26.04 22.61
CA ASN D 231 -24.15 25.06 23.69
C ASN D 231 -25.49 24.38 23.40
N LEU D 232 -25.48 23.05 23.20
CA LEU D 232 -26.68 22.26 22.86
C LEU D 232 -27.16 21.46 24.08
N LYS D 233 -26.54 21.67 25.25
CA LYS D 233 -26.99 21.03 26.52
C LYS D 233 -28.33 21.67 26.90
N VAL D 234 -29.28 20.85 27.37
CA VAL D 234 -30.65 21.30 27.77
C VAL D 234 -31.07 20.56 29.05
N SER D 235 -32.14 21.04 29.70
CA SER D 235 -32.64 20.54 31.01
C SER D 235 -33.38 19.21 30.83
N GLU D 236 -33.71 18.56 31.95
CA GLU D 236 -34.41 17.24 32.00
C GLU D 236 -35.82 17.37 31.40
N ASP D 237 -36.53 18.45 31.75
CA ASP D 237 -37.92 18.73 31.29
C ASP D 237 -37.92 18.90 29.77
N ALA D 238 -36.92 19.58 29.22
CA ALA D 238 -36.73 19.83 27.77
C ALA D 238 -36.48 18.50 27.04
N ILE D 239 -35.70 17.61 27.66
CA ILE D 239 -35.37 16.25 27.13
C ILE D 239 -36.67 15.43 27.02
N VAL D 240 -37.47 15.41 28.10
CA VAL D 240 -38.76 14.67 28.17
C VAL D 240 -39.72 15.24 27.11
N GLU D 241 -39.72 16.57 26.94
CA GLU D 241 -40.53 17.30 25.92
C GLU D 241 -40.05 16.91 24.52
N ARG D 242 -38.73 16.75 24.34
CA ARG D 242 -38.09 16.40 23.04
C ARG D 242 -38.35 14.92 22.70
N ILE D 243 -38.40 14.05 23.71
CA ILE D 243 -38.72 12.59 23.53
C ILE D 243 -40.17 12.45 23.09
N ASP D 244 -41.10 13.15 23.75
CA ASP D 244 -42.56 13.14 23.45
C ASP D 244 -42.79 13.59 22.00
N ALA D 245 -42.06 14.61 21.55
CA ALA D 245 -42.10 15.15 20.17
C ALA D 245 -41.74 14.06 19.16
N LEU D 246 -40.76 13.22 19.49
CA LEU D 246 -40.32 12.06 18.66
C LEU D 246 -41.42 10.99 18.66
N ILE D 247 -41.95 10.65 19.84
CA ILE D 247 -43.01 9.61 20.02
C ILE D 247 -44.25 10.01 19.21
N ASP D 248 -44.66 11.28 19.28
CA ASP D 248 -45.82 11.85 18.55
C ASP D 248 -45.58 11.75 17.04
N PHE D 249 -44.37 12.08 16.59
CA PHE D 249 -43.94 11.98 15.16
C PHE D 249 -44.07 10.53 14.69
N LEU D 250 -43.61 9.58 15.51
CA LEU D 250 -43.66 8.12 15.21
C LEU D 250 -45.10 7.62 15.22
N LYS D 251 -45.91 8.05 16.18
CA LYS D 251 -47.35 7.67 16.32
C LYS D 251 -48.13 8.21 15.13
N VAL D 252 -47.99 9.51 14.81
CA VAL D 252 -48.71 10.22 13.71
C VAL D 252 -48.47 9.49 12.38
N ASN D 253 -47.21 9.12 12.11
CA ASN D 253 -46.75 8.57 10.81
C ASN D 253 -46.93 7.04 10.77
N GLU D 254 -47.42 6.44 11.85
CA GLU D 254 -47.74 4.99 11.96
C GLU D 254 -46.47 4.17 11.70
N ILE D 255 -45.35 4.58 12.30
CA ILE D 255 -44.00 3.95 12.12
C ILE D 255 -43.97 2.66 12.95
N GLN D 256 -43.77 1.52 12.30
CA GLN D 256 -43.55 0.20 12.94
C GLN D 256 -42.18 -0.32 12.52
N PRO D 257 -41.09 0.07 13.23
CA PRO D 257 -39.74 -0.29 12.81
C PRO D 257 -39.49 -1.79 12.93
N LYS D 258 -38.81 -2.37 11.93
CA LYS D 258 -38.38 -3.79 11.92
C LYS D 258 -37.22 -3.99 12.90
N LEU D 259 -36.49 -2.91 13.22
CA LEU D 259 -35.32 -2.91 14.15
C LEU D 259 -35.19 -1.52 14.79
N ILE D 260 -35.01 -1.47 16.11
CA ILE D 260 -34.65 -0.24 16.88
C ILE D 260 -33.21 -0.43 17.41
N ASP D 261 -32.39 0.62 17.33
CA ASP D 261 -31.02 0.65 17.90
C ASP D 261 -30.80 2.01 18.58
N VAL D 262 -30.25 2.01 19.80
CA VAL D 262 -29.99 3.22 20.62
C VAL D 262 -28.48 3.35 20.84
N CYS D 263 -27.97 4.59 20.79
CA CYS D 263 -26.52 4.91 20.93
C CYS D 263 -26.33 5.94 22.05
N ARG D 264 -25.51 5.62 23.05
CA ARG D 264 -25.31 6.44 24.29
C ARG D 264 -24.45 7.66 23.96
N SER D 265 -23.30 7.45 23.30
CA SER D 265 -22.28 8.47 22.96
C SER D 265 -21.77 9.16 24.23
N ARG D 266 -21.83 8.48 25.37
CA ARG D 266 -21.40 9.03 26.68
C ARG D 266 -19.87 8.94 26.78
N LEU D 267 -19.28 7.82 26.36
CA LEU D 267 -17.80 7.60 26.38
C LEU D 267 -17.11 8.62 25.48
N SER D 268 -17.69 8.95 24.32
CA SER D 268 -17.15 9.94 23.34
C SER D 268 -17.37 11.37 23.86
N GLY D 269 -18.34 11.57 24.75
CA GLY D 269 -18.58 12.86 25.42
C GLY D 269 -19.50 13.78 24.64
N TYR D 270 -20.19 13.27 23.62
CA TYR D 270 -21.19 14.02 22.81
C TYR D 270 -22.46 14.19 23.64
N THR D 271 -22.89 13.11 24.31
CA THR D 271 -24.00 13.13 25.31
C THR D 271 -23.42 13.54 26.66
N PRO D 272 -23.95 14.61 27.32
CA PRO D 272 -23.47 15.00 28.65
C PRO D 272 -23.53 13.84 29.65
N ASN D 273 -22.46 13.67 30.44
CA ASN D 273 -22.23 12.48 31.32
C ASN D 273 -23.24 12.46 32.46
N ASP D 274 -23.67 13.64 32.95
CA ASP D 274 -24.62 13.76 34.09
C ASP D 274 -26.04 13.40 33.64
N GLN D 275 -26.32 13.44 32.33
CA GLN D 275 -27.69 13.29 31.75
C GLN D 275 -27.90 11.92 31.11
N TRP D 276 -26.84 11.28 30.59
CA TRP D 276 -26.93 10.13 29.65
C TRP D 276 -27.83 9.02 30.21
N GLU D 277 -27.71 8.70 31.50
CA GLU D 277 -28.52 7.64 32.18
C GLU D 277 -29.99 8.06 32.20
N PHE D 278 -30.28 9.35 32.44
CA PHE D 278 -31.65 9.92 32.49
C PHE D 278 -32.29 9.84 31.10
N ILE D 279 -31.55 10.25 30.06
CA ILE D 279 -32.05 10.35 28.65
C ILE D 279 -32.40 8.94 28.14
N GLU D 280 -31.52 7.97 28.36
CA GLU D 280 -31.70 6.57 27.89
C GLU D 280 -32.91 5.95 28.60
N ASN D 281 -32.92 5.98 29.94
CA ASN D 281 -33.98 5.37 30.80
C ASN D 281 -35.34 5.96 30.44
N THR D 282 -35.41 7.28 30.21
CA THR D 282 -36.64 8.00 29.81
C THR D 282 -37.07 7.53 28.41
N LEU D 283 -36.15 7.57 27.44
CA LEU D 283 -36.40 7.21 26.01
C LEU D 283 -36.98 5.79 25.91
N VAL D 284 -36.35 4.83 26.60
CA VAL D 284 -36.73 3.38 26.56
C VAL D 284 -38.17 3.22 27.09
N GLU D 285 -38.51 3.92 28.19
CA GLU D 285 -39.83 3.83 28.85
C GLU D 285 -40.91 4.50 27.99
N LYS D 286 -40.55 5.57 27.27
CA LYS D 286 -41.45 6.34 26.37
C LYS D 286 -41.66 5.54 25.07
N LEU D 287 -40.67 4.75 24.65
CA LEU D 287 -40.76 3.84 23.48
C LEU D 287 -41.60 2.61 23.84
N SER D 288 -41.56 2.17 25.10
CA SER D 288 -42.27 0.96 25.61
C SER D 288 -43.79 1.18 25.56
N SER D 289 -44.25 2.44 25.59
CA SER D 289 -45.68 2.82 25.54
C SER D 289 -46.29 2.50 24.17
N ILE D 290 -45.52 2.64 23.09
CA ILE D 290 -46.01 2.50 21.68
C ILE D 290 -45.45 1.23 21.02
N TYR D 291 -44.29 0.72 21.49
CA TYR D 291 -43.62 -0.48 20.94
C TYR D 291 -43.41 -1.52 22.05
N GLU D 292 -43.57 -2.80 21.71
CA GLU D 292 -43.29 -3.96 22.60
C GLU D 292 -41.94 -4.57 22.19
N PHE D 293 -40.94 -4.53 23.07
CA PHE D 293 -39.56 -4.97 22.80
C PHE D 293 -38.86 -5.42 24.10
N GLU D 294 -37.70 -6.07 23.93
CA GLU D 294 -36.79 -6.52 25.03
C GLU D 294 -35.41 -5.90 24.79
N PRO D 295 -35.04 -4.82 25.51
CA PRO D 295 -33.72 -4.18 25.32
C PRO D 295 -32.56 -5.12 25.67
N ILE D 296 -31.64 -5.34 24.71
CA ILE D 296 -30.42 -6.18 24.86
C ILE D 296 -29.21 -5.32 24.47
N PHE D 297 -28.10 -5.43 25.20
CA PHE D 297 -26.82 -4.71 24.93
C PHE D 297 -26.08 -5.38 23.78
N VAL D 298 -25.34 -4.60 23.00
CA VAL D 298 -24.54 -5.08 21.83
C VAL D 298 -23.48 -6.07 22.31
N SER D 299 -23.06 -5.98 23.58
CA SER D 299 -22.11 -6.90 24.26
C SER D 299 -22.56 -8.36 24.10
N GLU D 300 -23.88 -8.61 24.22
CA GLU D 300 -24.48 -9.97 24.15
C GLU D 300 -24.35 -10.52 22.73
N LEU D 301 -24.49 -9.67 21.71
CA LEU D 301 -24.33 -10.06 20.27
C LEU D 301 -22.87 -10.43 20.01
N SER D 302 -21.92 -9.59 20.49
CA SER D 302 -20.45 -9.83 20.41
C SER D 302 -20.10 -11.17 21.06
N LYS D 303 -20.77 -11.51 22.17
CA LYS D 303 -20.53 -12.76 22.95
C LYS D 303 -20.95 -13.98 22.11
N LYS D 304 -22.12 -13.92 21.48
CA LYS D 304 -22.68 -15.01 20.63
C LYS D 304 -21.80 -15.23 19.39
N VAL D 305 -21.21 -14.15 18.85
CA VAL D 305 -20.41 -14.15 17.59
C VAL D 305 -19.03 -14.77 17.86
N LEU D 306 -18.39 -14.42 18.99
CA LEU D 306 -16.97 -14.75 19.30
C LEU D 306 -16.87 -16.13 19.99
N VAL D 307 -17.94 -16.93 20.02
CA VAL D 307 -17.93 -18.32 20.55
C VAL D 307 -17.01 -19.17 19.66
MN MN E . 13.25 -31.99 3.62
MN MN F . 12.40 -29.80 6.24
C ACT G . 11.32 -29.78 4.29
O ACT G . 12.35 -30.46 4.26
OXT ACT G . 10.66 -29.58 5.33
CH3 ACT G . 10.87 -29.15 2.98
MG MG H . 1.21 -18.33 4.15
MN MN I . 7.43 -4.59 -19.22
MN MN J . 8.23 -7.12 -21.57
C ACT K . 7.12 -7.67 -19.52
O ACT K . 6.84 -8.12 -20.65
OXT ACT K . 7.49 -6.50 -19.31
CH3 ACT K . 6.97 -8.59 -18.30
MN MN L . 3.44 24.14 -1.87
MN MN M . 3.34 27.09 0.11
C ACT N . 2.88 24.96 1.05
O ACT N . 3.04 24.75 -0.16
OXT ACT N . 3.45 25.88 1.68
CH3 ACT N . 1.92 24.03 1.81
MN MN O . -24.44 12.16 17.45
MN MN P . -24.08 9.31 15.58
C ACT Q . -22.27 10.62 16.27
O ACT Q . -22.27 9.37 16.36
OXT ACT Q . -23.29 11.30 16.14
CH3 ACT Q . -20.95 11.38 16.32
C1 GOL R . -1.66 26.83 16.29
O1 GOL R . -2.71 26.39 17.14
C2 GOL R . -1.14 25.70 15.42
O2 GOL R . -2.21 24.82 15.07
C3 GOL R . -0.44 26.19 14.17
O3 GOL R . 0.90 26.58 14.43
#